data_8G1Y
#
_entry.id   8G1Y
#
_cell.length_a   86.464
_cell.length_b   81.413
_cell.length_c   139.465
_cell.angle_alpha   90.000
_cell.angle_beta   94.600
_cell.angle_gamma   90.000
#
_symmetry.space_group_name_H-M   'C 1 2 1'
#
loop_
_entity.id
_entity.type
_entity.pdbx_description
1 polymer 'Threonine synthase'
2 non-polymer 'CHLORIDE ION'
3 non-polymer 'SODIUM ION'
4 non-polymer "PYRIDOXAL-5'-PHOSPHATE"
5 non-polymer GLYCEROL
6 non-polymer D-MALATE
7 water water
#
_entity_poly.entity_id   1
_entity_poly.type   'polypeptide(L)'
_entity_poly.pdbx_seq_one_letter_code
;SNA(MSE)TLVYQSTRDANNTVTASQAILQGLATDGGLFTPDTYPKVDLNFDKLKDASYQEVAKLVLSAFLDDFTVEELD
YCINNAYDSKFDTPAIAPLVKLDGQYNLELFHGSTIAFKD(MSE)ALSILPYF(MSE)TTAAKKHGLENKIVILTATSGD
TGKAA(MSE)AGFANVPGTEIIVFYPKDGVSKIQELQ(MSE)TTQTGDNTHVIAIDGNFDDAQTNVKH(MSE)FNDVALR
EKLTTNKLQFSSANS(MSE)NIGRLVPQIVYYVYAYAQLVKTGEIVAGEKVNFTVPTGNFGNILAAFYAKQIGLPVGKLI
CASNDNNVLTDFFKTRVYDKKREFKVTTSPS(MSE)DILVSSNLERLIFHLLGNNAEKTTEL(MSE)NALNTQGQYKLTD
FDAEILDLFAAEYATEEETAAEIKRVCELDSYIEDPHTAVASAVYKKYQSATGDVTKTVIASTASPYKFPVVAVEAVTGK
AGLTDFEALAQLHEISGVAVPPAVDGLEIAPIRHKTTVAAAD(MSE)QAAVEAYLGL
;
_entity_poly.pdbx_strand_id   A,B
#
loop_
_chem_comp.id
_chem_comp.type
_chem_comp.name
_chem_comp.formula
CL non-polymer 'CHLORIDE ION' 'Cl -1'
GOL non-polymer GLYCEROL 'C3 H8 O3'
MLT non-polymer D-MALATE 'C4 H6 O5'
NA non-polymer 'SODIUM ION' 'Na 1'
PLP non-polymer PYRIDOXAL-5'-PHOSPHATE 'C8 H10 N O6 P'
#
# COMPACT_ATOMS: atom_id res chain seq x y z
N ASN A 2 11.80 -0.24 23.77
CA ASN A 2 11.23 1.07 24.23
C ASN A 2 9.97 1.37 23.39
N ALA A 3 8.94 1.93 24.01
CA ALA A 3 7.66 2.23 23.32
C ALA A 3 7.58 3.72 22.95
N MSE A 4 8.63 4.48 23.27
CA MSE A 4 8.66 5.90 22.98
C MSE A 4 8.62 6.14 21.48
O MSE A 4 9.20 5.39 20.70
CB MSE A 4 9.92 6.54 23.57
CG MSE A 4 9.81 6.96 25.02
SE MSE A 4 8.47 8.37 25.28
CE MSE A 4 9.17 10.11 24.68
N THR A 5 7.88 7.18 21.09
CA THR A 5 7.83 7.62 19.71
C THR A 5 8.53 8.97 19.64
N LEU A 6 9.03 9.33 18.46
CA LEU A 6 9.72 10.62 18.29
C LEU A 6 8.65 11.72 18.36
N VAL A 7 8.85 12.70 19.23
CA VAL A 7 7.87 13.80 19.38
C VAL A 7 8.20 14.92 18.39
N TYR A 8 7.23 15.27 17.56
CA TYR A 8 7.34 16.44 16.66
C TYR A 8 6.60 17.58 17.33
N GLN A 9 7.27 18.70 17.49
N GLN A 9 7.27 18.70 17.54
CA GLN A 9 6.67 19.87 18.14
CA GLN A 9 6.58 19.85 18.17
C GLN A 9 6.64 21.04 17.15
C GLN A 9 6.64 21.04 17.22
N SER A 10 5.66 21.93 17.29
CA SER A 10 5.68 23.15 16.46
C SER A 10 6.83 24.04 16.94
N THR A 11 7.53 24.66 15.99
CA THR A 11 8.58 25.64 16.33
C THR A 11 7.99 26.85 17.06
N ARG A 12 6.66 26.99 17.09
CA ARG A 12 6.05 28.19 17.74
C ARG A 12 5.05 27.80 18.84
N ASP A 13 5.03 26.53 19.26
CA ASP A 13 4.14 26.16 20.39
C ASP A 13 4.68 24.88 21.03
N ALA A 14 5.32 25.01 22.18
CA ALA A 14 5.92 23.87 22.93
C ALA A 14 4.84 22.84 23.29
N ASN A 15 3.57 23.24 23.34
CA ASN A 15 2.50 22.29 23.73
C ASN A 15 1.86 21.63 22.52
N ASN A 16 2.25 22.05 21.32
CA ASN A 16 1.65 21.43 20.10
C ASN A 16 2.56 20.27 19.69
N THR A 17 2.35 19.10 20.31
CA THR A 17 3.18 17.91 20.04
C THR A 17 2.35 16.86 19.31
N VAL A 18 2.97 16.22 18.33
CA VAL A 18 2.28 15.23 17.48
C VAL A 18 3.26 14.14 17.10
N THR A 19 2.73 13.01 16.63
CA THR A 19 3.57 11.94 16.06
C THR A 19 3.93 12.28 14.61
N ALA A 20 4.81 11.49 14.02
CA ALA A 20 5.19 11.72 12.60
C ALA A 20 3.96 11.62 11.69
N SER A 21 3.12 10.61 11.87
CA SER A 21 1.94 10.44 10.96
C SER A 21 1.01 11.65 11.11
N GLN A 22 0.85 12.17 12.32
CA GLN A 22 -0.03 13.34 12.53
C GLN A 22 0.59 14.58 11.88
N ALA A 23 1.89 14.79 12.05
CA ALA A 23 2.55 15.99 11.46
C ALA A 23 2.41 15.97 9.94
N ILE A 24 2.53 14.80 9.34
CA ILE A 24 2.45 14.70 7.86
C ILE A 24 1.02 14.99 7.39
N LEU A 25 0.03 14.43 8.09
CA LEU A 25 -1.37 14.59 7.66
C LEU A 25 -1.83 16.03 7.90
N GLN A 26 -1.38 16.65 9.00
N GLN A 26 -1.41 16.63 9.02
CA GLN A 26 -1.80 18.04 9.38
CA GLN A 26 -1.84 18.01 9.32
C GLN A 26 -1.02 19.06 8.54
C GLN A 26 -1.07 18.98 8.41
N GLY A 27 0.22 18.71 8.17
CA GLY A 27 1.07 19.58 7.32
C GLY A 27 1.55 20.82 8.03
N LEU A 28 0.62 21.74 8.30
CA LEU A 28 0.94 23.06 8.88
C LEU A 28 0.43 23.11 10.33
N ALA A 29 1.20 23.71 11.25
CA ALA A 29 0.69 23.90 12.62
C ALA A 29 -0.23 25.13 12.62
N THR A 30 -1.33 25.07 13.36
CA THR A 30 -2.30 26.20 13.39
C THR A 30 -1.66 27.45 14.03
N ASP A 31 -0.60 27.26 14.81
CA ASP A 31 0.08 28.39 15.49
C ASP A 31 1.02 29.14 14.53
N GLY A 32 1.19 28.63 13.30
CA GLY A 32 2.07 29.27 12.29
C GLY A 32 3.47 28.67 12.25
N GLY A 33 3.77 27.75 13.17
CA GLY A 33 5.10 27.11 13.22
C GLY A 33 5.18 25.87 12.35
N LEU A 34 6.35 25.23 12.39
CA LEU A 34 6.63 24.00 11.59
C LEU A 34 6.80 22.82 12.54
N PHE A 35 6.20 21.67 12.20
CA PHE A 35 6.38 20.44 13.02
C PHE A 35 7.82 19.97 12.86
N THR A 36 8.49 19.80 13.98
CA THR A 36 9.96 19.61 13.99
C THR A 36 10.34 18.58 15.04
N PRO A 37 11.29 17.65 14.75
CA PRO A 37 11.65 16.64 15.74
C PRO A 37 12.29 17.31 16.95
N ASP A 38 11.80 16.97 18.14
CA ASP A 38 12.29 17.60 19.39
C ASP A 38 13.55 16.87 19.89
N THR A 39 13.81 15.68 19.35
CA THR A 39 15.04 14.90 19.66
C THR A 39 15.43 14.20 18.36
N TYR A 40 16.62 13.61 18.33
CA TYR A 40 17.07 12.88 17.12
C TYR A 40 17.04 11.40 17.45
N PRO A 41 16.49 10.55 16.56
CA PRO A 41 16.39 9.13 16.84
C PRO A 41 17.74 8.43 16.75
N LYS A 42 17.86 7.30 17.46
CA LYS A 42 19.07 6.45 17.38
C LYS A 42 19.03 5.68 16.07
N VAL A 43 20.07 5.82 15.26
CA VAL A 43 20.15 5.13 13.94
C VAL A 43 21.52 4.46 13.85
N ASP A 44 21.54 3.15 13.61
CA ASP A 44 22.84 2.44 13.46
C ASP A 44 23.31 2.63 12.02
N LEU A 45 24.26 3.53 11.78
CA LEU A 45 24.79 3.72 10.40
C LEU A 45 26.02 2.83 10.23
N ASN A 46 25.80 1.58 9.85
CA ASN A 46 26.89 0.60 9.62
C ASN A 46 27.18 0.58 8.12
N PHE A 47 28.21 1.32 7.69
CA PHE A 47 28.49 1.42 6.24
C PHE A 47 29.08 0.12 5.68
N ASP A 48 29.55 -0.78 6.55
CA ASP A 48 30.01 -2.08 6.01
C ASP A 48 28.79 -2.77 5.38
N LYS A 49 27.61 -2.51 5.94
CA LYS A 49 26.35 -3.08 5.38
C LYS A 49 25.72 -2.08 4.40
N LEU A 50 25.69 -0.79 4.75
CA LEU A 50 24.97 0.19 3.89
C LEU A 50 25.66 0.39 2.53
N LYS A 51 26.97 0.10 2.45
N LYS A 51 26.97 0.10 2.45
CA LYS A 51 27.66 0.30 1.14
CA LYS A 51 27.67 0.29 1.15
C LYS A 51 27.04 -0.61 0.08
C LYS A 51 27.05 -0.62 0.08
N ASP A 52 26.42 -1.72 0.50
CA ASP A 52 25.80 -2.68 -0.45
C ASP A 52 24.28 -2.60 -0.43
N ALA A 53 23.72 -1.61 0.25
CA ALA A 53 22.25 -1.51 0.37
C ALA A 53 21.63 -0.83 -0.85
N SER A 54 20.44 -1.28 -1.22
CA SER A 54 19.65 -0.57 -2.26
C SER A 54 19.19 0.78 -1.71
N TYR A 55 18.76 1.67 -2.58
CA TYR A 55 18.19 2.96 -2.10
C TYR A 55 17.03 2.67 -1.14
N GLN A 56 16.17 1.72 -1.51
CA GLN A 56 14.97 1.38 -0.71
C GLN A 56 15.38 0.87 0.68
N GLU A 57 16.49 0.13 0.77
CA GLU A 57 16.97 -0.38 2.08
C GLU A 57 17.47 0.78 2.95
N VAL A 58 18.19 1.73 2.34
CA VAL A 58 18.63 2.92 3.12
C VAL A 58 17.38 3.70 3.56
N ALA A 59 16.38 3.82 2.67
CA ALA A 59 15.15 4.55 3.03
C ALA A 59 14.47 3.87 4.22
N LYS A 60 14.39 2.53 4.21
N LYS A 60 14.42 2.53 4.19
CA LYS A 60 13.74 1.85 5.35
CA LYS A 60 13.81 1.77 5.30
C LYS A 60 14.47 2.17 6.65
C LYS A 60 14.47 2.14 6.62
N LEU A 61 15.80 2.16 6.64
CA LEU A 61 16.56 2.43 7.89
C LEU A 61 16.27 3.85 8.40
N VAL A 62 16.40 4.83 7.53
CA VAL A 62 16.24 6.25 7.94
C VAL A 62 14.77 6.56 8.24
N LEU A 63 13.85 6.11 7.39
CA LEU A 63 12.43 6.47 7.60
C LEU A 63 11.88 5.77 8.86
N SER A 64 12.36 4.55 9.13
N SER A 64 12.37 4.55 9.15
CA SER A 64 11.91 3.82 10.35
CA SER A 64 11.86 3.83 10.34
C SER A 64 12.24 4.65 11.60
C SER A 64 12.32 4.52 11.64
N ALA A 65 13.41 5.30 11.58
CA ALA A 65 13.89 6.06 12.74
C ALA A 65 13.08 7.35 12.93
N PHE A 66 12.80 8.09 11.85
CA PHE A 66 12.10 9.38 11.97
C PHE A 66 10.58 9.23 11.96
N LEU A 67 10.03 8.31 11.18
CA LEU A 67 8.56 8.16 11.04
C LEU A 67 8.17 6.95 11.87
N ASP A 68 8.47 7.02 13.18
CA ASP A 68 8.45 5.79 14.01
C ASP A 68 7.05 5.41 14.53
N ASP A 69 5.99 6.14 14.17
CA ASP A 69 4.66 5.62 14.58
C ASP A 69 4.06 4.86 13.39
N PHE A 70 4.80 4.78 12.27
CA PHE A 70 4.39 3.90 11.14
C PHE A 70 4.97 2.50 11.40
N THR A 71 4.24 1.46 11.02
CA THR A 71 4.78 0.08 11.17
C THR A 71 5.80 -0.20 10.06
N VAL A 72 6.55 -1.29 10.21
CA VAL A 72 7.55 -1.66 9.17
C VAL A 72 6.81 -1.96 7.86
N GLU A 73 5.66 -2.61 7.94
N GLU A 73 5.67 -2.66 7.91
CA GLU A 73 4.85 -2.99 6.76
CA GLU A 73 4.89 -2.96 6.67
C GLU A 73 4.26 -1.74 6.06
C GLU A 73 4.37 -1.67 6.03
N GLU A 74 3.90 -0.71 6.85
CA GLU A 74 3.40 0.57 6.28
C GLU A 74 4.54 1.27 5.55
N LEU A 75 5.72 1.32 6.16
CA LEU A 75 6.86 2.01 5.50
C LEU A 75 7.28 1.23 4.25
N ASP A 76 7.30 -0.10 4.31
CA ASP A 76 7.66 -0.87 3.08
C ASP A 76 6.69 -0.51 1.96
N TYR A 77 5.40 -0.45 2.28
CA TYR A 77 4.36 -0.12 1.28
C TYR A 77 4.67 1.25 0.65
N CYS A 78 4.98 2.23 1.50
CA CYS A 78 5.26 3.60 1.00
C CYS A 78 6.54 3.62 0.15
N ILE A 79 7.59 2.96 0.63
CA ILE A 79 8.91 2.96 -0.09
C ILE A 79 8.76 2.25 -1.43
N ASN A 80 8.10 1.10 -1.46
CA ASN A 80 7.97 0.31 -2.72
C ASN A 80 7.10 1.05 -3.74
N ASN A 81 6.09 1.80 -3.28
CA ASN A 81 5.21 2.54 -4.23
C ASN A 81 5.90 3.83 -4.70
N ALA A 82 6.77 4.40 -3.86
CA ALA A 82 7.43 5.66 -4.24
C ALA A 82 8.60 5.43 -5.21
N TYR A 83 9.53 4.57 -4.79
CA TYR A 83 10.81 4.39 -5.54
C TYR A 83 10.67 3.22 -6.51
N ASP A 84 9.79 3.39 -7.49
CA ASP A 84 9.49 2.35 -8.50
C ASP A 84 9.91 2.83 -9.90
N SER A 85 9.18 2.38 -10.93
CA SER A 85 9.49 2.70 -12.34
C SER A 85 9.36 4.19 -12.65
N LYS A 86 8.83 5.00 -11.71
CA LYS A 86 8.80 6.47 -11.92
C LYS A 86 10.23 6.98 -12.07
N PHE A 87 11.20 6.24 -11.51
CA PHE A 87 12.63 6.62 -11.56
C PHE A 87 13.27 5.97 -12.78
N ASP A 88 14.15 6.71 -13.46
CA ASP A 88 14.71 6.25 -14.74
C ASP A 88 16.00 5.45 -14.56
N THR A 89 16.41 5.22 -13.31
CA THR A 89 17.54 4.31 -12.99
C THR A 89 17.24 3.62 -11.67
N PRO A 90 17.46 2.30 -11.55
CA PRO A 90 17.20 1.61 -10.29
C PRO A 90 18.09 2.10 -9.13
N ALA A 91 19.16 2.84 -9.46
CA ALA A 91 20.03 3.39 -8.39
C ALA A 91 19.27 4.51 -7.65
N ILE A 92 18.28 5.10 -8.31
CA ILE A 92 17.43 6.22 -7.79
C ILE A 92 18.24 7.53 -7.73
N ALA A 93 19.34 7.55 -6.96
CA ALA A 93 20.14 8.79 -6.77
C ALA A 93 21.62 8.45 -6.91
N PRO A 94 22.09 8.25 -8.16
CA PRO A 94 23.49 7.87 -8.39
C PRO A 94 24.44 9.04 -8.10
N LEU A 95 25.58 8.69 -7.52
CA LEU A 95 26.67 9.65 -7.23
C LEU A 95 27.68 9.56 -8.37
N VAL A 96 27.98 10.69 -9.00
CA VAL A 96 28.92 10.72 -10.15
C VAL A 96 30.22 11.38 -9.71
N LYS A 97 31.34 10.75 -10.04
CA LYS A 97 32.66 11.30 -9.63
C LYS A 97 33.17 12.24 -10.74
N LEU A 98 33.41 13.49 -10.39
CA LEU A 98 33.99 14.47 -11.35
C LEU A 98 35.42 14.78 -10.87
N ASP A 99 36.12 15.66 -11.59
CA ASP A 99 37.56 15.89 -11.30
C ASP A 99 37.80 16.38 -9.86
N GLY A 100 37.02 17.35 -9.38
CA GLY A 100 37.28 17.93 -8.04
C GLY A 100 36.06 17.92 -7.14
N GLN A 101 35.06 17.11 -7.48
CA GLN A 101 33.83 17.04 -6.65
C GLN A 101 33.05 15.79 -7.06
N TYR A 102 32.06 15.43 -6.25
CA TYR A 102 31.11 14.35 -6.60
C TYR A 102 29.74 15.02 -6.77
N ASN A 103 28.97 14.60 -7.76
CA ASN A 103 27.62 15.16 -7.98
C ASN A 103 26.58 14.09 -7.64
N LEU A 104 25.73 14.37 -6.65
CA LEU A 104 24.63 13.44 -6.30
C LEU A 104 23.46 13.80 -7.22
N GLU A 105 23.16 12.94 -8.19
CA GLU A 105 22.09 13.26 -9.18
C GLU A 105 20.72 12.96 -8.59
N LEU A 106 19.96 14.01 -8.29
CA LEU A 106 18.62 13.84 -7.65
C LEU A 106 17.52 14.11 -8.67
N PHE A 107 17.85 13.99 -9.95
CA PHE A 107 16.94 14.36 -11.06
C PHE A 107 16.51 13.14 -11.90
N HIS A 108 16.48 11.95 -11.29
CA HIS A 108 16.08 10.72 -12.02
C HIS A 108 14.60 10.36 -11.82
N GLY A 109 13.86 11.18 -11.07
CA GLY A 109 12.42 10.99 -10.85
C GLY A 109 11.58 11.46 -12.02
N SER A 110 10.26 11.44 -11.82
N SER A 110 10.25 11.42 -11.86
CA SER A 110 9.22 11.75 -12.84
CA SER A 110 9.33 11.68 -13.01
C SER A 110 9.42 13.13 -13.47
C SER A 110 9.32 13.15 -13.47
N THR A 111 9.84 14.12 -12.69
CA THR A 111 9.89 15.53 -13.18
C THR A 111 11.33 16.05 -13.23
N ILE A 112 12.31 15.15 -13.20
CA ILE A 112 13.77 15.46 -13.33
C ILE A 112 14.18 16.64 -12.44
N ALA A 113 13.64 16.67 -11.21
CA ALA A 113 14.00 17.67 -10.19
C ALA A 113 13.94 16.98 -8.82
N PHE A 114 14.76 17.43 -7.87
CA PHE A 114 14.90 16.66 -6.60
C PHE A 114 13.62 16.66 -5.76
N LYS A 115 12.68 17.56 -6.02
CA LYS A 115 11.45 17.57 -5.18
C LYS A 115 10.69 16.27 -5.42
N ASP A 116 11.03 15.54 -6.48
CA ASP A 116 10.41 14.21 -6.72
C ASP A 116 10.78 13.22 -5.60
N MSE A 117 11.95 13.41 -4.95
CA MSE A 117 12.41 12.42 -3.99
C MSE A 117 11.39 12.25 -2.87
O MSE A 117 11.03 11.11 -2.54
CB MSE A 117 13.79 12.82 -3.46
CG MSE A 117 14.88 12.83 -4.53
SE MSE A 117 15.18 11.10 -5.42
CE MSE A 117 16.13 10.20 -3.99
N ALA A 118 10.92 13.37 -2.32
CA ALA A 118 9.94 13.29 -1.24
C ALA A 118 8.50 13.30 -1.78
N LEU A 119 8.23 14.01 -2.89
CA LEU A 119 6.82 14.04 -3.37
C LEU A 119 6.39 12.69 -3.96
N SER A 120 7.33 11.82 -4.30
CA SER A 120 6.94 10.46 -4.78
C SER A 120 6.39 9.65 -3.60
N ILE A 121 6.82 9.94 -2.37
CA ILE A 121 6.41 9.10 -1.20
C ILE A 121 5.37 9.81 -0.30
N LEU A 122 5.37 11.13 -0.28
CA LEU A 122 4.43 11.87 0.61
C LEU A 122 3.00 11.38 0.44
N PRO A 123 2.46 11.17 -0.78
CA PRO A 123 1.07 10.74 -0.92
C PRO A 123 0.75 9.45 -0.15
N TYR A 124 1.68 8.49 -0.19
CA TYR A 124 1.50 7.20 0.50
C TYR A 124 1.60 7.40 2.01
N PHE A 125 2.49 8.29 2.46
CA PHE A 125 2.52 8.57 3.91
C PHE A 125 1.16 9.10 4.35
N MSE A 126 0.57 9.97 3.52
CA MSE A 126 -0.68 10.61 3.90
C MSE A 126 -1.86 9.63 3.94
O MSE A 126 -2.61 9.63 4.92
CB MSE A 126 -1.01 11.75 2.94
CG MSE A 126 -0.12 12.92 3.16
SE MSE A 126 -0.61 14.37 1.96
CE MSE A 126 0.37 15.85 2.74
N THR A 127 -2.03 8.83 2.89
CA THR A 127 -3.17 7.91 2.86
C THR A 127 -3.00 6.84 3.95
N THR A 128 -1.76 6.40 4.17
CA THR A 128 -1.48 5.42 5.24
C THR A 128 -1.80 6.07 6.61
N ALA A 129 -1.40 7.32 6.79
CA ALA A 129 -1.65 8.02 8.07
C ALA A 129 -3.16 8.17 8.28
N ALA A 130 -3.89 8.51 7.23
CA ALA A 130 -5.36 8.68 7.35
C ALA A 130 -5.98 7.38 7.86
N LYS A 131 -5.58 6.24 7.27
CA LYS A 131 -6.15 4.93 7.65
C LYS A 131 -5.77 4.60 9.09
N LYS A 132 -4.51 4.84 9.46
CA LYS A 132 -4.01 4.58 10.83
C LYS A 132 -4.86 5.33 11.87
N HIS A 133 -5.33 6.54 11.51
CA HIS A 133 -6.11 7.38 12.46
C HIS A 133 -7.61 7.12 12.31
N GLY A 134 -7.99 6.09 11.55
CA GLY A 134 -9.41 5.70 11.40
C GLY A 134 -10.21 6.70 10.60
N LEU A 135 -9.54 7.48 9.74
CA LEU A 135 -10.25 8.46 8.90
C LEU A 135 -10.64 7.76 7.59
N GLU A 136 -11.85 8.00 7.12
CA GLU A 136 -12.33 7.41 5.85
C GLU A 136 -12.49 8.58 4.87
N ASN A 137 -11.56 9.53 4.90
CA ASN A 137 -11.66 10.70 4.01
C ASN A 137 -10.64 10.66 2.88
N LYS A 138 -11.04 11.19 1.73
CA LYS A 138 -10.07 11.43 0.64
C LYS A 138 -9.31 12.70 1.02
N ILE A 139 -8.00 12.69 0.83
N ILE A 139 -7.99 12.69 0.82
CA ILE A 139 -7.16 13.89 1.16
CA ILE A 139 -7.14 13.87 1.15
C ILE A 139 -7.09 14.79 -0.06
C ILE A 139 -7.08 14.80 -0.06
N VAL A 140 -7.47 16.06 0.12
CA VAL A 140 -7.44 17.07 -0.98
C VAL A 140 -6.25 18.01 -0.73
N ILE A 141 -5.27 17.98 -1.63
CA ILE A 141 -4.08 18.87 -1.53
C ILE A 141 -4.33 20.13 -2.36
N LEU A 142 -4.16 21.31 -1.75
CA LEU A 142 -4.19 22.59 -2.51
C LEU A 142 -2.75 23.11 -2.53
N THR A 143 -2.26 23.43 -3.73
CA THR A 143 -0.86 23.92 -3.94
C THR A 143 -0.92 25.20 -4.78
N ALA A 144 -0.40 26.31 -4.27
CA ALA A 144 -0.29 27.54 -5.10
C ALA A 144 1.20 27.84 -5.26
N THR A 145 1.76 27.65 -6.46
CA THR A 145 3.23 27.87 -6.65
C THR A 145 3.56 28.33 -8.08
N SER A 146 4.69 29.03 -8.23
CA SER A 146 5.18 29.50 -9.55
C SER A 146 6.45 28.71 -9.91
N GLY A 147 6.84 27.77 -9.03
CA GLY A 147 8.07 26.99 -9.22
C GLY A 147 7.83 25.55 -9.69
N ASP A 148 8.90 24.76 -9.71
CA ASP A 148 8.84 23.35 -10.18
C ASP A 148 8.05 22.49 -9.20
N THR A 149 7.69 23.03 -8.04
CA THR A 149 6.92 22.26 -7.05
C THR A 149 5.57 21.83 -7.66
N GLY A 150 4.94 22.69 -8.46
CA GLY A 150 3.62 22.36 -9.02
C GLY A 150 3.65 21.05 -9.81
N LYS A 151 4.57 20.97 -10.76
CA LYS A 151 4.69 19.74 -11.58
C LYS A 151 5.11 18.56 -10.71
N ALA A 152 6.05 18.75 -9.79
CA ALA A 152 6.51 17.62 -8.94
C ALA A 152 5.35 17.12 -8.08
N ALA A 153 4.53 18.03 -7.55
CA ALA A 153 3.42 17.61 -6.67
C ALA A 153 2.38 16.85 -7.47
N MSE A 154 2.02 17.37 -8.64
N MSE A 154 2.02 17.34 -8.66
CA MSE A 154 1.05 16.70 -9.50
CA MSE A 154 1.00 16.66 -9.44
C MSE A 154 1.54 15.31 -9.84
C MSE A 154 1.51 15.30 -9.94
O MSE A 154 0.78 14.35 -9.75
O MSE A 154 0.73 14.36 -10.04
CB MSE A 154 0.86 17.48 -10.80
CB MSE A 154 0.51 17.55 -10.61
CG MSE A 154 0.13 18.79 -10.65
CG MSE A 154 1.57 17.91 -11.62
SE MSE A 154 -0.10 19.65 -12.38
SE MSE A 154 0.85 19.14 -12.97
CE MSE A 154 -1.68 18.75 -13.12
CE MSE A 154 -1.09 18.95 -13.01
N ALA A 155 2.82 15.19 -10.24
CA ALA A 155 3.37 13.91 -10.68
C ALA A 155 3.44 12.93 -9.51
N GLY A 156 3.72 13.42 -8.29
CA GLY A 156 3.78 12.54 -7.11
C GLY A 156 2.40 12.04 -6.72
N PHE A 157 1.39 12.91 -6.75
CA PHE A 157 0.03 12.50 -6.32
C PHE A 157 -0.77 11.84 -7.45
N ALA A 158 -0.32 11.93 -8.69
CA ALA A 158 -1.13 11.41 -9.82
C ALA A 158 -1.51 9.94 -9.58
N ASN A 159 -2.81 9.66 -9.63
CA ASN A 159 -3.36 8.28 -9.57
C ASN A 159 -3.06 7.60 -8.24
N VAL A 160 -2.73 8.37 -7.21
CA VAL A 160 -2.57 7.75 -5.87
C VAL A 160 -3.96 7.68 -5.27
N PRO A 161 -4.45 6.47 -4.93
CA PRO A 161 -5.80 6.34 -4.40
C PRO A 161 -5.96 7.08 -3.07
N GLY A 162 -7.12 7.68 -2.86
CA GLY A 162 -7.40 8.38 -1.60
C GLY A 162 -6.85 9.79 -1.59
N THR A 163 -6.43 10.28 -2.75
CA THR A 163 -5.91 11.67 -2.84
C THR A 163 -6.43 12.39 -4.07
N GLU A 164 -6.44 13.72 -3.97
N GLU A 164 -6.49 13.71 -3.95
CA GLU A 164 -6.85 14.62 -5.07
CA GLU A 164 -6.85 14.67 -5.02
C GLU A 164 -5.88 15.82 -4.91
C GLU A 164 -5.86 15.83 -4.90
N ILE A 165 -5.38 16.37 -6.02
CA ILE A 165 -4.50 17.56 -5.91
C ILE A 165 -4.96 18.62 -6.90
N ILE A 166 -5.05 19.84 -6.41
CA ILE A 166 -5.41 21.02 -7.23
C ILE A 166 -4.23 21.99 -7.14
N VAL A 167 -3.57 22.22 -8.27
CA VAL A 167 -2.38 23.12 -8.34
C VAL A 167 -2.79 24.43 -9.02
N PHE A 168 -2.45 25.54 -8.36
CA PHE A 168 -2.68 26.90 -8.91
C PHE A 168 -1.32 27.47 -9.29
N TYR A 169 -1.22 28.06 -10.48
CA TYR A 169 0.05 28.69 -10.91
C TYR A 169 -0.29 30.03 -11.54
N PRO A 170 0.65 31.00 -11.55
CA PRO A 170 0.37 32.31 -12.15
C PRO A 170 0.34 32.26 -13.67
N LYS A 171 -0.77 32.72 -14.27
CA LYS A 171 -0.88 32.75 -15.75
C LYS A 171 0.22 33.68 -16.28
N ASP A 172 0.91 33.28 -17.35
CA ASP A 172 1.99 34.14 -17.93
C ASP A 172 3.10 34.35 -16.89
N GLY A 173 3.07 33.63 -15.77
CA GLY A 173 4.10 33.75 -14.73
C GLY A 173 5.08 32.59 -14.76
N VAL A 174 5.00 31.75 -15.80
CA VAL A 174 5.90 30.57 -15.93
C VAL A 174 6.36 30.45 -17.39
N SER A 175 7.47 29.73 -17.60
CA SER A 175 8.02 29.48 -18.96
C SER A 175 7.06 28.56 -19.74
N LYS A 176 7.19 28.54 -21.07
CA LYS A 176 6.33 27.66 -21.91
C LYS A 176 6.58 26.20 -21.54
N ILE A 177 7.85 25.84 -21.28
CA ILE A 177 8.20 24.42 -20.96
C ILE A 177 7.60 24.05 -19.59
N GLN A 178 7.60 25.00 -18.65
N GLN A 178 7.58 24.99 -18.64
CA GLN A 178 7.01 24.77 -17.30
CA GLN A 178 7.02 24.70 -17.30
C GLN A 178 5.49 24.60 -17.42
C GLN A 178 5.48 24.60 -17.40
N GLU A 179 4.86 25.50 -18.18
CA GLU A 179 3.39 25.46 -18.37
C GLU A 179 2.98 24.12 -19.00
N LEU A 180 3.65 23.71 -20.09
CA LEU A 180 3.28 22.46 -20.78
C LEU A 180 3.51 21.25 -19.89
N GLN A 181 4.54 21.27 -19.04
CA GLN A 181 4.78 20.13 -18.12
C GLN A 181 3.54 19.90 -17.27
N MSE A 182 2.90 21.00 -16.84
CA MSE A 182 1.74 20.88 -15.96
C MSE A 182 0.45 20.63 -16.74
O MSE A 182 -0.37 19.80 -16.33
CB MSE A 182 1.59 22.14 -15.09
CG MSE A 182 2.67 22.30 -14.06
SE MSE A 182 2.40 23.89 -12.94
CE MSE A 182 2.78 25.34 -14.19
N THR A 183 0.25 21.33 -17.86
CA THR A 183 -1.03 21.25 -18.57
C THR A 183 -1.16 19.94 -19.37
N THR A 184 -0.07 19.18 -19.51
CA THR A 184 -0.11 17.86 -20.20
C THR A 184 -0.11 16.73 -19.16
N GLN A 185 0.00 17.07 -17.87
CA GLN A 185 0.06 16.06 -16.78
C GLN A 185 -1.18 15.16 -16.79
N THR A 186 -0.97 13.84 -16.76
CA THR A 186 -2.09 12.88 -16.74
C THR A 186 -2.46 12.54 -15.28
N GLY A 187 -3.63 11.95 -15.09
CA GLY A 187 -4.13 11.59 -13.74
C GLY A 187 -5.45 12.27 -13.46
N ASP A 188 -6.52 11.48 -13.33
CA ASP A 188 -7.89 12.02 -13.15
C ASP A 188 -8.03 12.72 -11.78
N ASN A 189 -7.10 12.46 -10.86
CA ASN A 189 -7.18 13.10 -9.52
C ASN A 189 -6.27 14.34 -9.50
N THR A 190 -5.79 14.78 -10.65
CA THR A 190 -4.92 15.99 -10.68
C THR A 190 -5.61 17.08 -11.50
N HIS A 191 -5.50 18.32 -11.04
N HIS A 191 -5.46 18.32 -11.03
CA HIS A 191 -6.07 19.47 -11.78
CA HIS A 191 -6.08 19.50 -11.67
C HIS A 191 -5.15 20.66 -11.61
C HIS A 191 -5.08 20.65 -11.60
N VAL A 192 -4.89 21.37 -12.70
CA VAL A 192 -4.00 22.56 -12.66
C VAL A 192 -4.82 23.73 -13.19
N ILE A 193 -4.78 24.84 -12.45
CA ILE A 193 -5.57 26.05 -12.77
C ILE A 193 -4.63 27.25 -12.83
N ALA A 194 -4.65 27.96 -13.96
CA ALA A 194 -3.87 29.20 -14.11
C ALA A 194 -4.63 30.32 -13.40
N ILE A 195 -3.92 31.16 -12.66
CA ILE A 195 -4.56 32.28 -11.92
C ILE A 195 -4.28 33.59 -12.64
N ASP A 196 -5.35 34.31 -12.98
CA ASP A 196 -5.23 35.65 -13.60
C ASP A 196 -5.29 36.67 -12.46
N GLY A 197 -4.25 37.48 -12.31
CA GLY A 197 -4.18 38.52 -11.26
C GLY A 197 -2.96 38.37 -10.36
N ASN A 198 -3.00 39.06 -9.21
CA ASN A 198 -1.91 39.05 -8.20
C ASN A 198 -1.79 37.63 -7.64
N PHE A 199 -0.64 36.98 -7.82
CA PHE A 199 -0.53 35.58 -7.34
C PHE A 199 -0.38 35.53 -5.82
N ASP A 200 0.00 36.63 -5.15
CA ASP A 200 0.04 36.63 -3.67
C ASP A 200 -1.36 36.31 -3.13
N ASP A 201 -2.41 36.83 -3.78
CA ASP A 201 -3.82 36.58 -3.37
C ASP A 201 -4.13 35.08 -3.47
N ALA A 202 -3.59 34.40 -4.49
CA ALA A 202 -3.80 32.95 -4.64
C ALA A 202 -3.26 32.22 -3.41
N GLN A 203 -2.04 32.58 -2.97
CA GLN A 203 -1.43 31.91 -1.80
C GLN A 203 -2.26 32.25 -0.56
N THR A 204 -2.70 33.50 -0.44
CA THR A 204 -3.56 33.91 0.70
C THR A 204 -4.88 33.12 0.67
N ASN A 205 -5.44 32.93 -0.52
CA ASN A 205 -6.75 32.25 -0.64
C ASN A 205 -6.60 30.78 -0.24
N VAL A 206 -5.48 30.15 -0.56
CA VAL A 206 -5.28 28.73 -0.15
C VAL A 206 -5.24 28.68 1.38
N LYS A 207 -4.49 29.58 2.01
CA LYS A 207 -4.41 29.58 3.49
C LYS A 207 -5.80 29.83 4.06
N HIS A 208 -6.57 30.73 3.44
CA HIS A 208 -7.93 31.05 3.93
C HIS A 208 -8.80 29.79 3.89
N MSE A 209 -8.71 29.03 2.79
CA MSE A 209 -9.51 27.83 2.65
C MSE A 209 -9.13 26.81 3.72
O MSE A 209 -10.01 26.20 4.32
CB MSE A 209 -9.37 27.25 1.24
CG MSE A 209 -10.20 27.99 0.22
SE MSE A 209 -10.14 27.10 -1.52
CE MSE A 209 -8.79 28.12 -2.48
N PHE A 210 -7.83 26.68 4.00
CA PHE A 210 -7.37 25.72 5.00
C PHE A 210 -7.90 26.07 6.39
N ASN A 211 -8.16 27.36 6.65
CA ASN A 211 -8.60 27.82 8.00
C ASN A 211 -10.10 28.08 8.06
N ASP A 212 -10.81 27.87 6.94
CA ASP A 212 -12.27 28.14 6.85
C ASP A 212 -13.02 27.03 7.58
N VAL A 213 -13.63 27.36 8.72
CA VAL A 213 -14.36 26.36 9.57
C VAL A 213 -15.60 25.86 8.82
N ALA A 214 -16.37 26.75 8.18
CA ALA A 214 -17.60 26.33 7.46
C ALA A 214 -17.22 25.38 6.33
N LEU A 215 -16.15 25.71 5.60
CA LEU A 215 -15.69 24.86 4.47
C LEU A 215 -15.24 23.50 5.02
N ARG A 216 -14.53 23.50 6.16
CA ARG A 216 -14.04 22.24 6.76
C ARG A 216 -15.23 21.32 7.08
N GLU A 217 -16.34 21.91 7.56
CA GLU A 217 -17.54 21.10 7.89
C GLU A 217 -18.08 20.47 6.61
N LYS A 218 -18.12 21.23 5.51
CA LYS A 218 -18.62 20.69 4.21
C LYS A 218 -17.71 19.55 3.76
N LEU A 219 -16.39 19.73 3.84
CA LEU A 219 -15.49 18.61 3.42
C LEU A 219 -15.76 17.37 4.28
N THR A 220 -15.83 17.54 5.61
CA THR A 220 -16.05 16.40 6.54
C THR A 220 -17.32 15.65 6.12
N THR A 221 -18.40 16.38 5.86
CA THR A 221 -19.70 15.77 5.49
C THR A 221 -19.55 14.96 4.20
N ASN A 222 -18.69 15.42 3.29
CA ASN A 222 -18.49 14.74 1.97
C ASN A 222 -17.28 13.79 2.02
N LYS A 223 -16.81 13.42 3.23
CA LYS A 223 -15.68 12.46 3.40
C LYS A 223 -14.43 12.97 2.70
N LEU A 224 -14.11 14.24 2.94
CA LEU A 224 -12.90 14.90 2.39
C LEU A 224 -12.18 15.64 3.51
N GLN A 225 -10.89 15.84 3.33
CA GLN A 225 -10.17 16.72 4.28
C GLN A 225 -9.00 17.32 3.54
N PHE A 226 -8.69 18.58 3.85
CA PHE A 226 -7.54 19.22 3.19
C PHE A 226 -6.25 18.79 3.88
N SER A 227 -5.18 18.74 3.09
CA SER A 227 -3.82 18.68 3.65
C SER A 227 -2.98 19.61 2.79
N SER A 228 -1.72 19.79 3.19
N SER A 228 -1.72 19.83 3.19
CA SER A 228 -0.78 20.67 2.47
CA SER A 228 -0.82 20.73 2.43
C SER A 228 0.45 19.87 2.08
C SER A 228 0.48 19.99 2.13
N ALA A 229 0.98 20.14 0.90
CA ALA A 229 2.23 19.49 0.46
C ALA A 229 3.25 20.59 0.23
N ASN A 230 3.19 21.65 1.04
CA ASN A 230 4.12 22.78 0.78
C ASN A 230 5.49 22.49 1.40
N SER A 231 6.37 23.47 1.31
CA SER A 231 7.79 23.32 1.73
C SER A 231 7.95 22.98 3.21
N MSE A 232 6.89 23.15 4.01
N MSE A 232 6.89 23.22 4.00
CA MSE A 232 7.05 22.99 5.44
CA MSE A 232 6.94 23.07 5.45
C MSE A 232 6.44 21.69 5.96
C MSE A 232 6.49 21.69 5.94
O MSE A 232 6.49 21.46 7.17
O MSE A 232 6.67 21.39 7.13
CB MSE A 232 6.47 24.23 6.12
CB MSE A 232 6.05 24.15 6.08
CG MSE A 232 7.21 25.46 5.67
CG MSE A 232 6.58 25.56 5.88
SE MSE A 232 6.42 27.07 6.37
SE MSE A 232 5.78 26.47 4.32
CE MSE A 232 4.52 26.91 6.06
CE MSE A 232 4.49 27.80 4.94
N ASN A 233 5.91 20.85 5.07
CA ASN A 233 5.42 19.55 5.51
C ASN A 233 6.64 18.68 5.89
N ILE A 234 6.67 18.14 7.10
CA ILE A 234 7.83 17.32 7.54
C ILE A 234 7.97 16.10 6.62
N GLY A 235 6.88 15.67 5.98
CA GLY A 235 6.92 14.51 5.06
C GLY A 235 7.71 14.83 3.80
N ARG A 236 7.92 16.11 3.50
CA ARG A 236 8.76 16.46 2.33
C ARG A 236 10.22 16.57 2.78
N LEU A 237 10.48 16.75 4.07
CA LEU A 237 11.88 16.92 4.52
C LEU A 237 12.53 15.58 4.90
N VAL A 238 11.83 14.76 5.68
CA VAL A 238 12.45 13.50 6.19
C VAL A 238 12.93 12.58 5.07
N PRO A 239 12.22 12.37 3.94
CA PRO A 239 12.75 11.51 2.88
C PRO A 239 14.05 12.04 2.26
N GLN A 240 14.32 13.32 2.45
CA GLN A 240 15.56 13.94 1.88
C GLN A 240 16.77 13.55 2.73
N ILE A 241 16.57 13.17 3.98
CA ILE A 241 17.70 12.70 4.83
C ILE A 241 18.32 11.45 4.19
N VAL A 242 17.47 10.61 3.61
CA VAL A 242 17.89 9.30 3.05
C VAL A 242 19.04 9.46 2.06
N TYR A 243 18.94 10.41 1.13
CA TYR A 243 19.96 10.39 0.04
C TYR A 243 21.31 10.94 0.49
N TYR A 244 21.37 11.63 1.62
CA TYR A 244 22.72 12.04 2.15
C TYR A 244 23.43 10.78 2.66
N VAL A 245 22.70 9.92 3.38
CA VAL A 245 23.26 8.64 3.87
C VAL A 245 23.63 7.77 2.65
N TYR A 246 22.79 7.76 1.62
CA TYR A 246 23.04 6.96 0.40
C TYR A 246 24.30 7.47 -0.33
N ALA A 247 24.46 8.79 -0.41
CA ALA A 247 25.67 9.35 -1.07
C ALA A 247 26.91 8.85 -0.35
N TYR A 248 26.90 8.95 0.97
CA TYR A 248 28.07 8.52 1.80
C TYR A 248 28.32 7.02 1.57
N ALA A 249 27.26 6.22 1.54
CA ALA A 249 27.39 4.76 1.31
C ALA A 249 28.07 4.51 -0.04
N GLN A 250 27.74 5.29 -1.07
CA GLN A 250 28.33 5.12 -2.42
C GLN A 250 29.82 5.49 -2.38
N LEU A 251 30.20 6.52 -1.64
CA LEU A 251 31.63 6.88 -1.52
C LEU A 251 32.39 5.73 -0.84
N VAL A 252 31.77 5.08 0.14
CA VAL A 252 32.43 3.92 0.81
C VAL A 252 32.51 2.75 -0.18
N LYS A 253 31.40 2.48 -0.88
CA LYS A 253 31.34 1.32 -1.80
C LYS A 253 32.39 1.44 -2.90
N THR A 254 32.61 2.63 -3.43
CA THR A 254 33.54 2.85 -4.57
C THR A 254 34.98 3.07 -4.08
N GLY A 255 35.22 2.99 -2.77
CA GLY A 255 36.58 3.14 -2.21
C GLY A 255 37.08 4.58 -2.22
N GLU A 256 36.19 5.56 -2.41
CA GLU A 256 36.61 6.98 -2.42
C GLU A 256 36.94 7.42 -1.00
N ILE A 257 36.23 6.88 -0.01
CA ILE A 257 36.49 7.18 1.42
C ILE A 257 36.39 5.89 2.21
N VAL A 258 36.93 5.91 3.42
CA VAL A 258 36.62 4.80 4.38
C VAL A 258 35.59 5.37 5.35
N ALA A 259 34.75 4.49 5.89
CA ALA A 259 33.71 4.92 6.86
C ALA A 259 34.38 5.66 8.01
N GLY A 260 33.80 6.80 8.41
CA GLY A 260 34.38 7.62 9.49
C GLY A 260 34.97 8.90 8.93
N GLU A 261 35.43 8.86 7.67
N GLU A 261 35.43 8.88 7.67
CA GLU A 261 35.96 10.11 7.07
CA GLU A 261 36.00 10.08 7.01
C GLU A 261 34.81 11.10 6.94
C GLU A 261 34.88 11.10 6.81
N LYS A 262 35.08 12.37 7.21
CA LYS A 262 34.03 13.39 7.06
C LYS A 262 33.97 13.79 5.58
N VAL A 263 32.76 14.14 5.14
N VAL A 263 32.76 14.15 5.15
CA VAL A 263 32.55 14.71 3.79
CA VAL A 263 32.41 14.59 3.76
C VAL A 263 31.76 15.98 3.96
C VAL A 263 31.60 15.89 3.86
N ASN A 264 31.83 16.83 2.95
CA ASN A 264 31.03 18.09 2.94
C ASN A 264 29.89 17.92 1.96
N PHE A 265 28.82 18.68 2.15
CA PHE A 265 27.73 18.72 1.15
C PHE A 265 27.50 20.18 0.80
N THR A 266 27.53 20.50 -0.49
CA THR A 266 27.16 21.84 -0.98
C THR A 266 25.75 21.71 -1.56
N VAL A 267 24.81 22.53 -1.08
CA VAL A 267 23.39 22.37 -1.46
C VAL A 267 22.85 23.66 -2.04
N PRO A 268 22.33 23.64 -3.29
CA PRO A 268 21.68 24.79 -3.90
C PRO A 268 20.42 25.01 -3.07
N THR A 269 20.34 26.14 -2.38
CA THR A 269 19.29 26.30 -1.34
C THR A 269 18.29 27.40 -1.69
N GLY A 270 17.02 27.07 -1.43
CA GLY A 270 15.89 28.01 -1.57
C GLY A 270 15.19 28.11 -0.22
N ASN A 271 14.29 27.17 0.05
CA ASN A 271 13.55 27.17 1.34
C ASN A 271 14.25 26.35 2.44
N PHE A 272 15.44 25.79 2.16
CA PHE A 272 16.33 25.26 3.24
C PHE A 272 16.02 23.81 3.65
N GLY A 273 14.96 23.18 3.13
CA GLY A 273 14.69 21.79 3.57
C GLY A 273 15.74 20.79 3.13
N ASN A 274 16.37 21.00 1.99
CA ASN A 274 17.37 20.03 1.46
C ASN A 274 18.60 20.06 2.37
N ILE A 275 19.12 21.26 2.64
CA ILE A 275 20.34 21.34 3.50
C ILE A 275 19.96 21.01 4.95
N LEU A 276 18.72 21.29 5.37
CA LEU A 276 18.34 20.90 6.75
C LEU A 276 18.30 19.36 6.85
N ALA A 277 17.90 18.68 5.77
CA ALA A 277 17.88 17.20 5.82
C ALA A 277 19.30 16.67 6.00
N ALA A 278 20.29 17.37 5.42
CA ALA A 278 21.70 16.96 5.56
C ALA A 278 22.11 17.17 7.03
N PHE A 279 21.62 18.26 7.62
CA PHE A 279 21.88 18.53 9.05
C PHE A 279 21.28 17.39 9.89
N TYR A 280 20.06 16.96 9.57
CA TYR A 280 19.47 15.85 10.35
C TYR A 280 20.27 14.56 10.12
N ALA A 281 20.80 14.36 8.91
CA ALA A 281 21.67 13.19 8.64
C ALA A 281 22.88 13.25 9.59
N LYS A 282 23.50 14.42 9.70
N LYS A 282 23.48 14.43 9.72
CA LYS A 282 24.65 14.56 10.65
CA LYS A 282 24.64 14.60 10.63
C LYS A 282 24.20 14.21 12.07
C LYS A 282 24.23 14.29 12.08
N GLN A 283 23.01 14.68 12.47
CA GLN A 283 22.55 14.46 13.87
C GLN A 283 22.34 12.96 14.15
N ILE A 284 22.07 12.15 13.13
CA ILE A 284 21.88 10.69 13.42
C ILE A 284 23.21 9.94 13.19
N GLY A 285 24.30 10.67 12.97
CA GLY A 285 25.65 10.06 12.93
C GLY A 285 26.36 10.12 11.59
N LEU A 286 25.79 10.77 10.57
CA LEU A 286 26.52 10.81 9.27
C LEU A 286 27.77 11.67 9.44
N PRO A 287 28.97 11.21 9.04
CA PRO A 287 30.18 12.03 9.17
C PRO A 287 30.22 13.21 8.19
N VAL A 288 29.71 14.36 8.66
CA VAL A 288 29.62 15.60 7.86
C VAL A 288 30.60 16.63 8.42
N GLY A 289 31.46 17.17 7.56
CA GLY A 289 32.43 18.19 7.99
C GLY A 289 31.83 19.57 7.90
N LYS A 290 31.14 19.87 6.80
CA LYS A 290 30.57 21.21 6.57
C LYS A 290 29.36 21.10 5.65
N LEU A 291 28.34 21.90 5.93
CA LEU A 291 27.17 22.06 5.04
C LEU A 291 27.30 23.45 4.42
N ILE A 292 27.50 23.48 3.11
CA ILE A 292 27.73 24.76 2.38
C ILE A 292 26.44 25.15 1.70
N CYS A 293 25.86 26.25 2.17
CA CYS A 293 24.59 26.81 1.66
C CYS A 293 24.90 27.66 0.43
N ALA A 294 24.44 27.23 -0.75
CA ALA A 294 24.69 27.97 -2.01
C ALA A 294 23.46 28.77 -2.40
N SER A 295 23.65 30.05 -2.63
CA SER A 295 22.55 30.96 -3.01
C SER A 295 22.83 31.59 -4.37
N ASN A 296 21.79 32.08 -5.03
CA ASN A 296 21.98 32.89 -6.25
C ASN A 296 21.99 34.37 -5.85
N ASP A 297 21.79 35.29 -6.81
CA ASP A 297 21.78 36.75 -6.53
C ASP A 297 20.83 37.08 -5.37
N ASN A 298 19.79 36.27 -5.17
CA ASN A 298 18.87 36.45 -4.01
C ASN A 298 19.61 35.83 -2.83
N ASN A 299 20.45 36.63 -2.17
CA ASN A 299 21.44 36.08 -1.19
C ASN A 299 21.11 36.43 0.26
N VAL A 300 19.82 36.47 0.61
CA VAL A 300 19.44 36.75 2.02
C VAL A 300 20.11 35.71 2.95
N LEU A 301 20.20 34.45 2.52
CA LEU A 301 20.81 33.40 3.40
C LEU A 301 22.32 33.63 3.53
N THR A 302 22.97 34.05 2.45
CA THR A 302 24.43 34.29 2.54
C THR A 302 24.66 35.41 3.57
N ASP A 303 23.87 36.47 3.49
CA ASP A 303 24.02 37.60 4.46
C ASP A 303 23.73 37.09 5.87
N PHE A 304 22.75 36.20 6.02
CA PHE A 304 22.43 35.68 7.36
C PHE A 304 23.61 34.90 7.94
N PHE A 305 24.20 34.02 7.15
CA PHE A 305 25.33 33.22 7.73
C PHE A 305 26.56 34.10 7.96
N LYS A 306 26.70 35.19 7.21
N LYS A 306 26.70 35.19 7.19
CA LYS A 306 27.93 36.00 7.37
CA LYS A 306 27.92 36.06 7.32
C LYS A 306 27.74 37.09 8.44
C LYS A 306 27.74 37.14 8.39
N THR A 307 26.50 37.44 8.80
CA THR A 307 26.29 38.55 9.78
C THR A 307 25.37 38.19 10.93
N ARG A 308 24.65 37.06 10.83
CA ARG A 308 23.64 36.61 11.83
C ARG A 308 22.40 37.52 11.77
N VAL A 309 22.32 38.38 10.74
CA VAL A 309 21.10 39.21 10.54
C VAL A 309 20.33 38.66 9.34
N TYR A 310 19.06 38.28 9.56
CA TYR A 310 18.17 37.85 8.45
C TYR A 310 17.35 39.08 8.07
N ASP A 311 17.57 39.63 6.87
CA ASP A 311 16.89 40.88 6.45
C ASP A 311 16.22 40.64 5.10
N LYS A 312 14.87 40.62 5.08
CA LYS A 312 14.12 40.35 3.83
C LYS A 312 13.78 41.65 3.10
N LYS A 313 14.16 42.80 3.66
CA LYS A 313 13.91 44.12 2.99
C LYS A 313 15.03 44.35 1.98
N ARG A 314 14.90 43.73 0.81
N ARG A 314 14.91 43.74 0.81
CA ARG A 314 15.95 43.79 -0.25
CA ARG A 314 15.95 43.82 -0.26
C ARG A 314 15.31 43.59 -1.62
C ARG A 314 15.29 43.62 -1.62
N GLU A 315 16.01 43.99 -2.69
CA GLU A 315 15.47 43.81 -4.06
C GLU A 315 15.31 42.31 -4.34
N PHE A 316 14.28 41.97 -5.10
CA PHE A 316 14.04 40.57 -5.51
C PHE A 316 14.34 40.46 -7.00
N LYS A 317 15.06 39.40 -7.39
CA LYS A 317 15.52 39.20 -8.78
C LYS A 317 15.04 37.85 -9.31
N VAL A 318 14.44 37.83 -10.50
CA VAL A 318 14.13 36.53 -11.18
C VAL A 318 15.43 36.11 -11.88
N THR A 319 15.95 34.92 -11.57
CA THR A 319 17.28 34.52 -12.11
C THR A 319 17.20 33.25 -12.95
N THR A 320 18.36 32.83 -13.45
CA THR A 320 18.52 31.59 -14.23
C THR A 320 18.47 30.36 -13.32
N SER A 321 18.45 30.54 -11.99
CA SER A 321 18.28 29.42 -11.02
C SER A 321 17.02 29.75 -10.23
N PRO A 322 15.86 29.80 -10.91
CA PRO A 322 14.62 30.33 -10.32
C PRO A 322 14.09 29.60 -9.09
N SER A 323 14.42 28.31 -8.94
CA SER A 323 13.91 27.58 -7.75
C SER A 323 14.53 28.12 -6.47
N MSE A 324 15.56 28.97 -6.60
CA MSE A 324 16.24 29.52 -5.43
C MSE A 324 15.99 31.01 -5.28
O MSE A 324 16.65 31.66 -4.46
CB MSE A 324 17.74 29.20 -5.52
CG MSE A 324 18.01 27.71 -5.53
SE MSE A 324 19.71 27.29 -6.36
CE MSE A 324 20.74 28.28 -5.10
N ASP A 325 15.03 31.55 -6.03
CA ASP A 325 14.68 32.96 -5.92
C ASP A 325 13.77 33.12 -4.70
N ILE A 326 14.35 33.40 -3.54
CA ILE A 326 13.53 33.51 -2.30
C ILE A 326 13.89 34.75 -1.50
N LEU A 327 12.95 35.20 -0.67
CA LEU A 327 13.19 36.29 0.32
C LEU A 327 13.04 35.68 1.71
N VAL A 328 12.10 34.75 1.86
CA VAL A 328 11.85 34.10 3.19
C VAL A 328 12.09 32.60 3.01
N SER A 329 13.23 32.12 3.49
CA SER A 329 13.59 30.68 3.39
C SER A 329 12.79 29.92 4.45
N SER A 330 11.72 29.22 4.03
CA SER A 330 10.71 28.75 5.01
C SER A 330 11.29 27.82 6.08
N ASN A 331 12.21 26.94 5.72
CA ASN A 331 12.69 25.91 6.68
C ASN A 331 13.86 26.45 7.52
N LEU A 332 14.34 27.67 7.24
CA LEU A 332 15.42 28.15 8.13
C LEU A 332 14.88 28.23 9.56
N GLU A 333 13.58 28.51 9.71
CA GLU A 333 12.93 28.58 11.05
C GLU A 333 13.22 27.31 11.85
N ARG A 334 13.27 26.14 11.20
CA ARG A 334 13.57 24.91 11.99
C ARG A 334 15.01 25.00 12.51
N LEU A 335 15.95 25.44 11.67
CA LEU A 335 17.34 25.58 12.18
C LEU A 335 17.38 26.65 13.29
N ILE A 336 16.66 27.76 13.14
CA ILE A 336 16.64 28.79 14.22
C ILE A 336 16.16 28.14 15.53
N PHE A 337 15.11 27.33 15.45
CA PHE A 337 14.58 26.63 16.64
C PHE A 337 15.69 25.80 17.28
N HIS A 338 16.40 24.99 16.48
CA HIS A 338 17.49 24.16 17.06
C HIS A 338 18.63 25.04 17.60
N LEU A 339 18.97 26.11 16.87
CA LEU A 339 20.04 27.05 17.31
C LEU A 339 19.72 27.64 18.69
N LEU A 340 18.43 27.80 18.97
CA LEU A 340 17.99 28.39 20.26
C LEU A 340 17.70 27.31 21.30
N GLY A 341 18.17 26.08 21.09
CA GLY A 341 17.95 25.00 22.08
C GLY A 341 16.52 24.48 22.05
N ASN A 342 15.90 24.45 20.87
CA ASN A 342 14.51 23.94 20.72
C ASN A 342 13.59 24.78 21.60
N ASN A 343 13.72 26.10 21.47
CA ASN A 343 12.92 27.05 22.27
C ASN A 343 11.89 27.74 21.38
N ALA A 344 10.62 27.35 21.54
CA ALA A 344 9.52 27.88 20.71
C ALA A 344 9.22 29.36 21.02
N GLU A 345 9.27 29.75 22.30
N GLU A 345 9.30 29.75 22.30
CA GLU A 345 9.01 31.18 22.61
CA GLU A 345 9.04 31.16 22.69
C GLU A 345 10.02 32.05 21.85
C GLU A 345 10.02 32.09 21.95
N LYS A 346 11.32 31.76 22.00
CA LYS A 346 12.37 32.60 21.37
C LYS A 346 12.24 32.55 19.84
N THR A 347 11.89 31.38 19.30
CA THR A 347 11.73 31.27 17.82
C THR A 347 10.57 32.16 17.38
N THR A 348 9.45 32.08 18.10
CA THR A 348 8.26 32.88 17.74
C THR A 348 8.63 34.37 17.76
N GLU A 349 9.41 34.79 18.75
CA GLU A 349 9.82 36.21 18.86
C GLU A 349 10.60 36.62 17.61
N LEU A 350 11.51 35.78 17.13
CA LEU A 350 12.30 36.16 15.93
C LEU A 350 11.41 36.16 14.69
N MSE A 351 10.48 35.20 14.58
CA MSE A 351 9.61 35.15 13.41
C MSE A 351 8.65 36.34 13.42
O MSE A 351 8.35 36.88 12.36
CB MSE A 351 8.88 33.81 13.34
CG MSE A 351 9.80 32.60 13.19
SE MSE A 351 11.07 32.66 11.68
CE MSE A 351 12.70 33.37 12.41
N ASN A 352 8.15 36.71 14.60
CA ASN A 352 7.27 37.88 14.69
C ASN A 352 8.08 39.13 14.30
N ALA A 353 9.36 39.21 14.67
CA ALA A 353 10.21 40.36 14.30
C ALA A 353 10.41 40.40 12.79
N LEU A 354 10.62 39.25 12.17
CA LEU A 354 10.78 39.23 10.69
C LEU A 354 9.53 39.83 10.05
N ASN A 355 8.36 39.50 10.60
CA ASN A 355 7.08 39.97 10.02
C ASN A 355 6.88 41.47 10.30
N THR A 356 7.19 41.94 11.51
CA THR A 356 6.86 43.35 11.87
C THR A 356 7.98 44.31 11.50
N GLN A 357 9.25 43.86 11.55
CA GLN A 357 10.42 44.75 11.32
C GLN A 357 11.10 44.41 9.99
N GLY A 358 10.80 43.25 9.39
CA GLY A 358 11.44 42.85 8.12
C GLY A 358 12.81 42.26 8.36
N GLN A 359 13.21 42.11 9.63
CA GLN A 359 14.54 41.53 9.94
C GLN A 359 14.61 41.06 11.39
N TYR A 360 15.58 40.19 11.65
CA TYR A 360 15.88 39.75 13.03
C TYR A 360 17.37 39.42 13.11
N LYS A 361 17.91 39.45 14.32
CA LYS A 361 19.32 39.08 14.52
C LYS A 361 19.36 37.88 15.48
N LEU A 362 20.15 36.88 15.09
CA LEU A 362 20.32 35.68 15.94
C LEU A 362 21.40 35.96 16.99
N THR A 363 21.03 35.88 18.27
CA THR A 363 21.93 36.05 19.44
C THR A 363 21.71 34.86 20.39
N ASP A 364 22.70 34.57 21.23
CA ASP A 364 22.61 33.50 22.26
C ASP A 364 22.18 32.18 21.62
N PHE A 365 22.97 31.73 20.64
CA PHE A 365 22.68 30.49 19.86
C PHE A 365 23.75 29.43 20.14
N ASP A 366 23.46 28.21 19.69
CA ASP A 366 24.37 27.06 19.83
C ASP A 366 25.44 27.17 18.73
N ALA A 367 26.64 27.61 19.09
CA ALA A 367 27.72 27.81 18.09
C ALA A 367 28.13 26.49 17.43
N GLU A 368 27.96 25.35 18.12
CA GLU A 368 28.34 24.04 17.53
C GLU A 368 27.49 23.77 16.29
N ILE A 369 26.22 24.22 16.34
CA ILE A 369 25.30 24.02 15.19
C ILE A 369 25.65 25.05 14.11
N LEU A 370 25.78 26.33 14.48
CA LEU A 370 25.99 27.34 13.41
C LEU A 370 27.35 27.13 12.71
N ASP A 371 28.37 26.67 13.45
CA ASP A 371 29.73 26.51 12.87
C ASP A 371 29.76 25.39 11.82
N LEU A 372 28.72 24.57 11.75
CA LEU A 372 28.67 23.49 10.72
C LEU A 372 28.37 24.11 9.35
N PHE A 373 27.84 25.34 9.31
CA PHE A 373 27.38 25.93 8.04
C PHE A 373 28.36 26.95 7.49
N ALA A 374 28.52 26.88 6.17
CA ALA A 374 29.24 27.93 5.41
C ALA A 374 28.27 28.42 4.34
N ALA A 375 28.55 29.58 3.74
CA ALA A 375 27.60 30.11 2.75
C ALA A 375 28.32 31.04 1.76
N GLU A 376 27.95 30.92 0.49
CA GLU A 376 28.41 31.86 -0.56
C GLU A 376 27.28 31.97 -1.57
N TYR A 377 27.36 32.97 -2.44
CA TYR A 377 26.36 33.08 -3.54
C TYR A 377 27.10 33.21 -4.86
N ALA A 378 26.40 32.92 -5.94
CA ALA A 378 26.93 33.03 -7.31
C ALA A 378 26.00 33.91 -8.13
N THR A 379 26.60 34.79 -8.94
CA THR A 379 25.84 35.67 -9.86
C THR A 379 25.38 34.86 -11.07
N GLU A 380 24.53 35.47 -11.90
CA GLU A 380 24.06 34.77 -13.12
C GLU A 380 25.24 34.53 -14.07
N GLU A 381 26.15 35.51 -14.21
N GLU A 381 26.16 35.49 -14.16
CA GLU A 381 27.33 35.28 -15.08
CA GLU A 381 27.34 35.35 -15.05
C GLU A 381 28.11 34.09 -14.51
C GLU A 381 28.19 34.17 -14.52
N GLU A 382 28.34 34.12 -13.18
CA GLU A 382 29.15 33.03 -12.56
C GLU A 382 28.47 31.68 -12.79
N THR A 383 27.14 31.64 -12.78
CA THR A 383 26.40 30.37 -13.00
C THR A 383 26.73 29.83 -14.40
N ALA A 384 26.61 30.70 -15.42
CA ALA A 384 26.89 30.29 -16.82
C ALA A 384 28.35 29.90 -16.96
N ALA A 385 29.27 30.69 -16.38
CA ALA A 385 30.71 30.36 -16.50
C ALA A 385 30.99 28.99 -15.89
N GLU A 386 30.28 28.65 -14.81
CA GLU A 386 30.48 27.36 -14.13
C GLU A 386 29.95 26.20 -14.99
N ILE A 387 28.77 26.35 -15.59
CA ILE A 387 28.25 25.27 -16.48
C ILE A 387 29.29 25.04 -17.57
N LYS A 388 29.82 26.12 -18.12
CA LYS A 388 30.82 26.00 -19.22
C LYS A 388 32.10 25.33 -18.68
N ARG A 389 32.58 25.73 -17.51
CA ARG A 389 33.86 25.16 -17.02
C ARG A 389 33.74 23.67 -16.72
N VAL A 390 32.66 23.24 -16.08
CA VAL A 390 32.51 21.80 -15.73
C VAL A 390 32.35 21.00 -17.03
N CYS A 391 31.67 21.56 -18.03
CA CYS A 391 31.57 20.89 -19.36
C CYS A 391 32.99 20.74 -19.97
N GLU A 392 33.78 21.80 -19.90
CA GLU A 392 35.16 21.73 -20.48
C GLU A 392 36.07 20.74 -19.73
N LEU A 393 36.00 20.76 -18.40
N LEU A 393 36.02 20.72 -18.39
CA LEU A 393 36.89 19.92 -17.55
CA LEU A 393 36.96 19.88 -17.62
C LEU A 393 36.41 18.48 -17.49
C LEU A 393 36.43 18.45 -17.38
N ASP A 394 35.11 18.27 -17.28
CA ASP A 394 34.57 16.91 -17.01
C ASP A 394 33.69 16.36 -18.12
N SER A 395 33.45 17.10 -19.20
CA SER A 395 32.53 16.63 -20.27
C SER A 395 31.19 16.27 -19.62
N TYR A 396 30.76 17.12 -18.70
CA TYR A 396 29.52 16.89 -17.91
C TYR A 396 28.75 18.21 -17.86
N ILE A 397 27.45 18.17 -18.15
CA ILE A 397 26.63 19.42 -18.18
C ILE A 397 25.74 19.48 -16.95
N GLU A 398 25.97 20.51 -16.14
CA GLU A 398 25.18 20.77 -14.91
C GLU A 398 24.02 21.71 -15.24
N ASP A 399 22.87 21.50 -14.57
CA ASP A 399 21.78 22.49 -14.68
C ASP A 399 22.24 23.75 -13.94
N PRO A 400 21.55 24.90 -14.10
CA PRO A 400 21.95 26.12 -13.39
C PRO A 400 21.94 26.02 -11.86
N HIS A 401 20.94 25.35 -11.27
CA HIS A 401 20.90 25.27 -9.78
C HIS A 401 22.14 24.51 -9.28
N THR A 402 22.46 23.40 -9.95
CA THR A 402 23.66 22.61 -9.62
C THR A 402 24.91 23.48 -9.81
N ALA A 403 24.94 24.29 -10.87
CA ALA A 403 26.13 25.11 -11.16
C ALA A 403 26.27 26.21 -10.08
N VAL A 404 25.17 26.75 -9.58
CA VAL A 404 25.31 27.72 -8.46
C VAL A 404 26.02 26.99 -7.31
N ALA A 405 25.63 25.77 -7.01
CA ALA A 405 26.30 25.02 -5.92
C ALA A 405 27.77 24.71 -6.27
N SER A 406 28.09 24.27 -7.49
CA SER A 406 29.51 23.93 -7.77
C SER A 406 30.36 25.21 -7.80
N ALA A 407 29.79 26.33 -8.26
CA ALA A 407 30.51 27.62 -8.24
C ALA A 407 30.74 28.04 -6.78
N VAL A 408 29.71 27.87 -5.95
CA VAL A 408 29.84 28.23 -4.50
C VAL A 408 30.87 27.31 -3.84
N TYR A 409 30.91 26.03 -4.22
CA TYR A 409 31.94 25.15 -3.61
C TYR A 409 33.34 25.67 -3.96
N LYS A 410 33.57 26.08 -5.21
CA LYS A 410 34.89 26.66 -5.58
C LYS A 410 35.19 27.89 -4.72
N LYS A 411 34.19 28.75 -4.47
CA LYS A 411 34.42 29.94 -3.62
C LYS A 411 34.75 29.52 -2.19
N TYR A 412 34.03 28.51 -1.68
CA TYR A 412 34.26 28.00 -0.31
C TYR A 412 35.69 27.46 -0.19
N GLN A 413 36.11 26.66 -1.18
N GLN A 413 36.12 26.66 -1.18
CA GLN A 413 37.48 26.08 -1.17
CA GLN A 413 37.48 26.07 -1.11
C GLN A 413 38.52 27.20 -1.15
C GLN A 413 38.53 27.19 -1.17
N SER A 414 38.31 28.21 -2.00
CA SER A 414 39.25 29.35 -2.12
C SER A 414 39.35 30.12 -0.80
N ALA A 415 38.20 30.38 -0.16
CA ALA A 415 38.20 31.20 1.08
C ALA A 415 38.72 30.43 2.29
N THR A 416 38.57 29.10 2.31
CA THR A 416 38.88 28.33 3.55
C THR A 416 40.08 27.41 3.40
N GLY A 417 40.43 27.00 2.19
CA GLY A 417 41.48 26.00 1.98
C GLY A 417 41.05 24.60 2.38
N ASP A 418 39.77 24.38 2.69
CA ASP A 418 39.27 23.04 3.10
C ASP A 418 39.41 22.04 1.94
N VAL A 419 40.13 20.92 2.15
CA VAL A 419 40.31 19.89 1.09
C VAL A 419 39.38 18.69 1.36
N THR A 420 38.49 18.79 2.34
CA THR A 420 37.55 17.67 2.62
C THR A 420 36.78 17.31 1.34
N LYS A 421 36.63 16.02 1.06
CA LYS A 421 35.85 15.58 -0.12
C LYS A 421 34.43 16.15 -0.03
N THR A 422 33.92 16.60 -1.16
CA THR A 422 32.64 17.35 -1.16
C THR A 422 31.70 16.81 -2.22
N VAL A 423 30.45 16.63 -1.81
CA VAL A 423 29.34 16.18 -2.69
C VAL A 423 28.45 17.39 -2.97
N ILE A 424 28.18 17.62 -4.25
CA ILE A 424 27.24 18.66 -4.72
C ILE A 424 25.86 18.00 -4.84
N ALA A 425 24.86 18.53 -4.15
CA ALA A 425 23.48 18.04 -4.34
C ALA A 425 22.98 18.62 -5.66
N SER A 426 22.82 17.78 -6.66
N SER A 426 22.91 17.78 -6.69
CA SER A 426 22.41 18.23 -8.02
CA SER A 426 22.43 18.22 -8.04
C SER A 426 20.89 18.13 -8.12
C SER A 426 20.90 18.13 -8.01
N THR A 427 20.24 19.28 -8.06
CA THR A 427 18.77 19.35 -7.84
C THR A 427 17.92 19.30 -9.10
N ALA A 428 18.50 19.42 -10.29
CA ALA A 428 17.69 19.27 -11.51
C ALA A 428 18.58 18.83 -12.66
N SER A 429 17.95 18.22 -13.65
CA SER A 429 18.62 17.89 -14.92
C SER A 429 18.75 19.17 -15.74
N PRO A 430 19.82 19.35 -16.54
CA PRO A 430 19.89 20.49 -17.46
C PRO A 430 18.72 20.46 -18.45
N TYR A 431 18.09 19.29 -18.64
CA TYR A 431 16.92 19.20 -19.55
C TYR A 431 15.73 19.98 -18.98
N LYS A 432 15.77 20.30 -17.69
CA LYS A 432 14.64 21.04 -17.06
C LYS A 432 14.82 22.55 -17.24
N PHE A 433 16.07 22.99 -17.44
CA PHE A 433 16.41 24.43 -17.62
C PHE A 433 17.40 24.48 -18.77
N PRO A 434 16.99 24.04 -19.98
CA PRO A 434 17.92 23.85 -21.08
C PRO A 434 18.51 25.11 -21.73
N VAL A 435 17.79 26.23 -21.69
CA VAL A 435 18.29 27.44 -22.40
C VAL A 435 19.60 27.90 -21.77
N VAL A 436 19.63 28.10 -20.44
CA VAL A 436 20.87 28.62 -19.82
C VAL A 436 21.98 27.59 -20.00
N ALA A 437 21.66 26.30 -19.92
CA ALA A 437 22.74 25.27 -20.03
C ALA A 437 23.31 25.25 -21.45
N VAL A 438 22.45 25.18 -22.46
CA VAL A 438 22.96 25.12 -23.87
C VAL A 438 23.67 26.43 -24.23
N GLU A 439 23.12 27.58 -23.83
CA GLU A 439 23.77 28.85 -24.21
C GLU A 439 25.13 28.93 -23.50
N ALA A 440 25.22 28.42 -22.28
CA ALA A 440 26.50 28.51 -21.53
C ALA A 440 27.59 27.66 -22.18
N VAL A 441 27.24 26.49 -22.74
CA VAL A 441 28.29 25.58 -23.26
C VAL A 441 28.54 25.82 -24.76
N THR A 442 27.63 26.48 -25.47
CA THR A 442 27.76 26.66 -26.95
C THR A 442 28.09 28.09 -27.35
N GLY A 443 27.75 29.06 -26.49
CA GLY A 443 27.94 30.48 -26.80
C GLY A 443 26.76 31.02 -27.60
N LYS A 444 25.78 30.16 -27.88
CA LYS A 444 24.59 30.60 -28.67
C LYS A 444 23.75 31.56 -27.82
N ALA A 445 22.88 32.32 -28.47
CA ALA A 445 22.01 33.28 -27.75
C ALA A 445 20.63 33.32 -28.41
N GLY A 446 19.60 33.66 -27.64
CA GLY A 446 18.24 33.81 -28.19
C GLY A 446 17.53 32.49 -28.46
N LEU A 447 17.99 31.39 -27.86
CA LEU A 447 17.33 30.07 -28.08
C LEU A 447 15.98 30.03 -27.37
N THR A 448 15.00 29.35 -27.99
CA THR A 448 13.69 29.08 -27.31
C THR A 448 13.90 27.83 -26.44
N ASP A 449 12.95 27.53 -25.54
CA ASP A 449 13.06 26.35 -24.65
C ASP A 449 13.17 25.07 -25.50
N PHE A 450 12.31 24.91 -26.51
CA PHE A 450 12.30 23.69 -27.35
C PHE A 450 13.54 23.62 -28.24
N GLU A 451 14.06 24.76 -28.68
CA GLU A 451 15.30 24.74 -29.51
C GLU A 451 16.45 24.23 -28.63
N ALA A 452 16.50 24.70 -27.37
CA ALA A 452 17.56 24.28 -26.43
C ALA A 452 17.43 22.78 -26.11
N LEU A 453 16.21 22.25 -25.94
CA LEU A 453 16.06 20.80 -25.64
C LEU A 453 16.73 19.96 -26.72
N ALA A 454 16.41 20.26 -27.99
CA ALA A 454 16.95 19.50 -29.13
C ALA A 454 18.48 19.56 -29.14
N GLN A 455 19.04 20.75 -28.94
CA GLN A 455 20.51 20.91 -28.99
C GLN A 455 21.17 20.22 -27.80
N LEU A 456 20.52 20.22 -26.63
CA LEU A 456 21.16 19.57 -25.46
C LEU A 456 21.34 18.07 -25.73
N HIS A 457 20.38 17.44 -26.40
CA HIS A 457 20.48 16.00 -26.73
C HIS A 457 21.67 15.77 -27.67
N GLU A 458 21.80 16.60 -28.70
CA GLU A 458 22.90 16.48 -29.70
C GLU A 458 24.26 16.68 -29.02
N ILE A 459 24.35 17.61 -28.06
CA ILE A 459 25.63 17.95 -27.36
C ILE A 459 26.00 16.89 -26.31
N SER A 460 25.05 16.51 -25.45
CA SER A 460 25.36 15.64 -24.28
C SER A 460 25.35 14.15 -24.63
N GLY A 461 24.51 13.73 -25.59
CA GLY A 461 24.38 12.29 -25.87
C GLY A 461 23.56 11.62 -24.77
N VAL A 462 23.08 12.40 -23.79
CA VAL A 462 22.23 11.85 -22.69
C VAL A 462 20.78 11.78 -23.20
N ALA A 463 20.13 10.63 -23.01
CA ALA A 463 18.74 10.47 -23.50
C ALA A 463 17.83 11.58 -22.96
N VAL A 464 16.90 12.07 -23.77
CA VAL A 464 15.94 13.11 -23.31
C VAL A 464 15.01 12.43 -22.30
N PRO A 465 14.93 12.91 -21.05
CA PRO A 465 14.06 12.28 -20.06
C PRO A 465 12.60 12.33 -20.48
N PRO A 466 11.77 11.34 -20.05
CA PRO A 466 10.34 11.33 -20.39
C PRO A 466 9.60 12.62 -20.09
N ALA A 467 9.97 13.33 -19.02
CA ALA A 467 9.26 14.57 -18.61
C ALA A 467 9.26 15.60 -19.73
N VAL A 468 10.31 15.64 -20.56
CA VAL A 468 10.40 16.71 -21.60
C VAL A 468 10.46 16.09 -23.00
N ASP A 469 10.40 14.76 -23.10
CA ASP A 469 10.47 14.07 -24.42
C ASP A 469 9.09 14.15 -25.08
N GLY A 470 8.99 14.80 -26.24
CA GLY A 470 7.71 14.94 -26.96
C GLY A 470 6.71 15.83 -26.24
N LEU A 471 7.20 16.77 -25.42
CA LEU A 471 6.36 17.70 -24.65
C LEU A 471 5.71 18.71 -25.60
N GLU A 472 6.41 19.09 -26.67
CA GLU A 472 5.93 20.07 -27.68
C GLU A 472 4.62 19.60 -28.33
N ILE A 473 4.42 18.28 -28.47
CA ILE A 473 3.21 17.74 -29.16
C ILE A 473 2.34 16.90 -28.22
N ALA A 474 2.61 16.90 -26.91
CA ALA A 474 1.79 16.12 -25.95
C ALA A 474 0.40 16.77 -25.84
N PRO A 475 -0.68 15.97 -25.64
CA PRO A 475 -2.03 16.52 -25.57
C PRO A 475 -2.26 17.37 -24.31
N ILE A 476 -2.97 18.48 -24.49
CA ILE A 476 -3.28 19.43 -23.37
C ILE A 476 -4.51 18.89 -22.64
N ARG A 477 -4.36 18.56 -21.36
CA ARG A 477 -5.46 17.98 -20.54
C ARG A 477 -6.00 19.03 -19.56
N HIS A 478 -5.32 20.18 -19.43
CA HIS A 478 -5.75 21.23 -18.47
C HIS A 478 -5.75 22.58 -19.19
N LYS A 479 -6.91 23.24 -19.28
CA LYS A 479 -6.99 24.55 -20.00
C LYS A 479 -7.82 25.54 -19.19
N THR A 480 -7.75 25.48 -17.85
CA THR A 480 -8.58 26.34 -16.97
C THR A 480 -7.79 27.55 -16.45
N THR A 481 -8.36 28.75 -16.61
CA THR A 481 -7.81 30.00 -16.03
C THR A 481 -8.94 30.66 -15.24
N VAL A 482 -8.71 30.98 -13.98
CA VAL A 482 -9.76 31.69 -13.18
C VAL A 482 -9.13 32.90 -12.49
N ALA A 483 -9.98 33.83 -12.08
CA ALA A 483 -9.53 34.98 -11.27
C ALA A 483 -9.22 34.49 -9.86
N ALA A 484 -8.27 35.10 -9.17
CA ALA A 484 -7.91 34.63 -7.81
C ALA A 484 -9.16 34.60 -6.90
N ALA A 485 -10.06 35.58 -7.05
CA ALA A 485 -11.24 35.68 -6.16
C ALA A 485 -12.22 34.54 -6.40
N ASP A 486 -12.07 33.79 -7.50
CA ASP A 486 -13.04 32.69 -7.80
C ASP A 486 -12.47 31.31 -7.45
N MSE A 487 -11.29 31.27 -6.82
CA MSE A 487 -10.66 29.99 -6.54
C MSE A 487 -11.52 29.13 -5.61
O MSE A 487 -11.74 27.96 -5.90
CB MSE A 487 -9.27 30.19 -5.94
CG MSE A 487 -8.26 30.75 -6.92
SE MSE A 487 -6.72 31.45 -5.98
CE MSE A 487 -6.04 29.86 -5.04
N GLN A 488 -12.00 29.70 -4.50
CA GLN A 488 -12.75 28.91 -3.55
C GLN A 488 -14.05 28.39 -4.17
N ALA A 489 -14.75 29.22 -4.94
CA ALA A 489 -16.01 28.75 -5.57
C ALA A 489 -15.71 27.61 -6.56
N ALA A 490 -14.60 27.69 -7.28
CA ALA A 490 -14.24 26.63 -8.25
C ALA A 490 -13.89 25.33 -7.52
N VAL A 491 -13.18 25.44 -6.39
CA VAL A 491 -12.81 24.26 -5.56
C VAL A 491 -14.08 23.64 -4.98
N GLU A 492 -14.98 24.46 -4.43
CA GLU A 492 -16.20 23.90 -3.81
C GLU A 492 -17.04 23.20 -4.88
N ALA A 493 -17.15 23.78 -6.07
CA ALA A 493 -17.98 23.16 -7.14
C ALA A 493 -17.32 21.86 -7.60
N TYR A 494 -16.00 21.85 -7.72
CA TYR A 494 -15.32 20.61 -8.19
C TYR A 494 -15.51 19.49 -7.14
N LEU A 495 -15.41 19.82 -5.85
CA LEU A 495 -15.53 18.79 -4.78
C LEU A 495 -16.98 18.44 -4.48
N GLY A 496 -17.94 19.11 -5.12
CA GLY A 496 -19.38 18.83 -4.95
C GLY A 496 -19.90 19.29 -3.60
N LEU A 497 -19.37 20.42 -3.08
CA LEU A 497 -19.75 20.98 -1.74
C LEU A 497 -20.82 22.06 -1.91
N ALA B 3 -32.72 -0.88 -13.46
CA ALA B 3 -33.31 -1.30 -12.16
C ALA B 3 -33.15 -2.79 -11.91
N MSE B 4 -32.66 -3.51 -12.94
CA MSE B 4 -32.46 -4.95 -12.81
C MSE B 4 -31.41 -5.25 -11.74
O MSE B 4 -30.41 -4.54 -11.62
CB MSE B 4 -32.03 -5.56 -14.15
CG MSE B 4 -33.19 -5.97 -15.04
SE MSE B 4 -34.27 -7.42 -14.25
CE MSE B 4 -33.46 -9.17 -14.67
N THR B 5 -31.67 -6.30 -10.95
CA THR B 5 -30.73 -6.77 -9.96
C THR B 5 -30.24 -8.14 -10.41
N LEU B 6 -29.06 -8.52 -9.91
CA LEU B 6 -28.50 -9.84 -10.26
C LEU B 6 -29.30 -10.90 -9.51
N VAL B 7 -29.84 -11.88 -10.23
CA VAL B 7 -30.65 -12.95 -9.62
C VAL B 7 -29.74 -14.09 -9.16
N TYR B 8 -29.82 -14.44 -7.88
CA TYR B 8 -29.12 -15.61 -7.31
C TYR B 8 -30.17 -16.72 -7.23
N GLN B 9 -29.90 -17.87 -7.84
N GLN B 9 -29.84 -17.87 -7.79
CA GLN B 9 -30.87 -18.97 -7.71
CA GLN B 9 -30.77 -19.03 -7.85
C GLN B 9 -30.16 -20.17 -7.06
C GLN B 9 -30.14 -20.21 -7.11
N SER B 10 -30.95 -21.05 -6.48
CA SER B 10 -30.37 -22.28 -5.89
C SER B 10 -29.91 -23.18 -7.04
N THR B 11 -28.78 -23.86 -6.86
CA THR B 11 -28.33 -24.86 -7.84
C THR B 11 -29.32 -26.03 -7.89
N ARG B 12 -30.25 -26.12 -6.94
CA ARG B 12 -31.19 -27.29 -6.92
C ARG B 12 -32.67 -26.85 -6.95
N ASP B 13 -32.94 -25.58 -7.25
CA ASP B 13 -34.36 -25.17 -7.38
C ASP B 13 -34.39 -23.89 -8.22
N ALA B 14 -34.77 -24.04 -9.49
CA ALA B 14 -34.86 -22.92 -10.45
C ALA B 14 -35.85 -21.84 -9.95
N ASN B 15 -36.79 -22.20 -9.07
CA ASN B 15 -37.77 -21.20 -8.59
C ASN B 15 -37.32 -20.54 -7.29
N ASN B 16 -36.19 -20.98 -6.73
CA ASN B 16 -35.71 -20.36 -5.47
C ASN B 16 -34.72 -19.27 -5.87
N THR B 17 -35.25 -18.06 -6.13
CA THR B 17 -34.45 -16.91 -6.59
C THR B 17 -34.47 -15.83 -5.50
N VAL B 18 -33.31 -15.24 -5.27
CA VAL B 18 -33.16 -14.23 -4.19
C VAL B 18 -32.17 -13.16 -4.66
N THR B 19 -32.15 -12.04 -3.94
CA THR B 19 -31.14 -10.99 -4.21
C THR B 19 -29.85 -11.36 -3.45
N ALA B 20 -28.78 -10.61 -3.71
CA ALA B 20 -27.50 -10.86 -3.02
C ALA B 20 -27.68 -10.76 -1.50
N SER B 21 -28.32 -9.69 -1.01
CA SER B 21 -28.49 -9.50 0.45
C SER B 21 -29.28 -10.68 1.06
N GLN B 22 -30.29 -11.18 0.35
CA GLN B 22 -31.10 -12.32 0.85
C GLN B 22 -30.25 -13.59 0.87
N ALA B 23 -29.47 -13.83 -0.18
CA ALA B 23 -28.62 -15.05 -0.25
C ALA B 23 -27.62 -15.03 0.91
N ILE B 24 -27.06 -13.87 1.22
CA ILE B 24 -26.07 -13.78 2.32
C ILE B 24 -26.75 -14.05 3.66
N LEU B 25 -27.88 -13.41 3.94
CA LEU B 25 -28.56 -13.65 5.25
C LEU B 25 -29.05 -15.10 5.35
N GLN B 26 -29.61 -15.64 4.27
CA GLN B 26 -30.19 -17.02 4.33
C GLN B 26 -29.04 -18.02 4.42
N GLY B 27 -27.93 -17.74 3.72
CA GLY B 27 -26.77 -18.63 3.73
C GLY B 27 -26.99 -19.88 2.90
N LEU B 28 -27.87 -20.76 3.38
CA LEU B 28 -28.11 -22.07 2.74
C LEU B 28 -29.51 -22.10 2.13
N ALA B 29 -29.65 -22.71 0.95
CA ALA B 29 -31.00 -22.90 0.36
C ALA B 29 -31.68 -24.09 1.06
N THR B 30 -32.98 -23.96 1.37
CA THR B 30 -33.71 -25.06 2.07
C THR B 30 -33.75 -26.34 1.21
N ASP B 31 -33.59 -26.20 -0.10
CA ASP B 31 -33.66 -27.34 -1.04
C ASP B 31 -32.33 -28.11 -1.05
N GLY B 32 -31.33 -27.62 -0.33
CA GLY B 32 -30.00 -28.27 -0.24
C GLY B 32 -28.99 -27.73 -1.24
N GLY B 33 -29.42 -26.87 -2.16
CA GLY B 33 -28.51 -26.27 -3.16
C GLY B 33 -27.80 -25.03 -2.66
N LEU B 34 -27.01 -24.42 -3.54
CA LEU B 34 -26.20 -23.23 -3.21
C LEU B 34 -26.72 -22.03 -3.98
N PHE B 35 -26.86 -20.87 -3.33
CA PHE B 35 -27.28 -19.65 -4.04
C PHE B 35 -26.16 -19.24 -4.99
N THR B 36 -26.52 -19.09 -6.26
CA THR B 36 -25.51 -18.93 -7.33
C THR B 36 -25.98 -17.90 -8.34
N PRO B 37 -25.09 -17.01 -8.86
CA PRO B 37 -25.52 -16.01 -9.83
C PRO B 37 -26.00 -16.70 -11.11
N ASP B 38 -27.19 -16.32 -11.58
CA ASP B 38 -27.79 -16.97 -12.78
C ASP B 38 -27.27 -16.29 -14.05
N THR B 39 -26.64 -15.12 -13.90
CA THR B 39 -25.98 -14.39 -15.01
C THR B 39 -24.75 -13.73 -14.42
N TYR B 40 -23.85 -13.24 -15.27
CA TYR B 40 -22.66 -12.50 -14.77
C TYR B 40 -22.89 -11.03 -14.99
N PRO B 41 -22.59 -10.17 -13.99
CA PRO B 41 -22.82 -8.74 -14.13
C PRO B 41 -21.80 -8.10 -15.07
N LYS B 42 -22.20 -6.97 -15.66
CA LYS B 42 -21.28 -6.20 -16.53
C LYS B 42 -20.34 -5.41 -15.63
N VAL B 43 -19.04 -5.60 -15.82
CA VAL B 43 -18.01 -4.91 -15.00
C VAL B 43 -17.00 -4.29 -15.97
N ASP B 44 -16.77 -2.99 -15.87
CA ASP B 44 -15.73 -2.37 -16.74
C ASP B 44 -14.38 -2.59 -16.06
N LEU B 45 -13.61 -3.56 -16.54
CA LEU B 45 -12.25 -3.79 -15.99
C LEU B 45 -11.26 -2.97 -16.81
N ASN B 46 -11.08 -1.71 -16.42
CA ASN B 46 -10.13 -0.80 -17.11
C ASN B 46 -8.82 -0.83 -16.31
N PHE B 47 -7.81 -1.59 -16.76
CA PHE B 47 -6.57 -1.70 -15.95
C PHE B 47 -5.73 -0.42 -16.05
N ASP B 48 -6.02 0.48 -16.99
CA ASP B 48 -5.29 1.77 -16.97
C ASP B 48 -5.64 2.48 -15.65
N LYS B 49 -6.86 2.26 -15.16
CA LYS B 49 -7.32 2.85 -13.87
C LYS B 49 -7.03 1.89 -12.72
N LEU B 50 -7.33 0.61 -12.91
CA LEU B 50 -7.22 -0.36 -11.79
C LEU B 50 -5.75 -0.62 -11.41
N LYS B 51 -4.80 -0.45 -12.33
CA LYS B 51 -3.38 -0.68 -11.94
C LYS B 51 -3.00 0.23 -10.76
N ASP B 52 -3.66 1.38 -10.60
CA ASP B 52 -3.30 2.34 -9.52
C ASP B 52 -4.32 2.32 -8.38
N ALA B 53 -5.31 1.44 -8.46
CA ALA B 53 -6.40 1.42 -7.46
C ALA B 53 -5.97 0.75 -6.16
N SER B 54 -6.52 1.24 -5.05
CA SER B 54 -6.34 0.58 -3.74
C SER B 54 -7.13 -0.73 -3.74
N TYR B 55 -6.81 -1.63 -2.81
CA TYR B 55 -7.59 -2.89 -2.67
C TYR B 55 -9.06 -2.52 -2.51
N GLN B 56 -9.32 -1.53 -1.65
CA GLN B 56 -10.72 -1.13 -1.32
C GLN B 56 -11.45 -0.64 -2.57
N GLU B 57 -10.75 0.05 -3.47
CA GLU B 57 -11.40 0.54 -4.71
C GLU B 57 -11.71 -0.65 -5.62
N VAL B 58 -10.82 -1.62 -5.71
CA VAL B 58 -11.13 -2.83 -6.54
C VAL B 58 -12.31 -3.56 -5.89
N ALA B 59 -12.34 -3.62 -4.56
CA ALA B 59 -13.48 -4.28 -3.87
C ALA B 59 -14.77 -3.52 -4.20
N LYS B 60 -14.73 -2.19 -4.20
CA LYS B 60 -15.97 -1.44 -4.52
C LYS B 60 -16.46 -1.80 -5.93
N LEU B 61 -15.55 -1.85 -6.90
CA LEU B 61 -15.95 -2.16 -8.30
C LEU B 61 -16.60 -3.55 -8.39
N VAL B 62 -15.92 -4.56 -7.84
CA VAL B 62 -16.38 -5.97 -7.98
C VAL B 62 -17.60 -6.21 -7.09
N LEU B 63 -17.59 -5.72 -5.85
CA LEU B 63 -18.73 -6.02 -4.95
C LEU B 63 -19.99 -5.27 -5.43
N SER B 64 -19.82 -4.08 -6.00
N SER B 64 -19.85 -4.07 -6.01
CA SER B 64 -20.98 -3.30 -6.50
CA SER B 64 -21.06 -3.33 -6.47
C SER B 64 -21.70 -4.10 -7.59
C SER B 64 -21.71 -4.03 -7.66
N ALA B 65 -20.94 -4.83 -8.41
CA ALA B 65 -21.48 -5.59 -9.56
C ALA B 65 -22.22 -6.85 -9.08
N PHE B 66 -21.64 -7.59 -8.13
CA PHE B 66 -22.25 -8.86 -7.65
C PHE B 66 -23.27 -8.63 -6.53
N LEU B 67 -23.02 -7.68 -5.63
CA LEU B 67 -23.94 -7.47 -4.47
C LEU B 67 -24.74 -6.21 -4.79
N ASP B 68 -25.48 -6.27 -5.90
CA ASP B 68 -26.05 -5.04 -6.49
C ASP B 68 -27.36 -4.58 -5.84
N ASP B 69 -27.87 -5.26 -4.81
CA ASP B 69 -29.05 -4.68 -4.13
C ASP B 69 -28.58 -3.89 -2.91
N PHE B 70 -27.25 -3.84 -2.68
CA PHE B 70 -26.67 -2.97 -1.62
C PHE B 70 -26.42 -1.59 -2.23
N THR B 71 -26.57 -0.52 -1.44
CA THR B 71 -26.27 0.83 -1.96
C THR B 71 -24.77 1.10 -1.91
N VAL B 72 -24.33 2.18 -2.56
CA VAL B 72 -22.91 2.62 -2.53
C VAL B 72 -22.49 2.83 -1.07
N GLU B 73 -23.34 3.51 -0.30
CA GLU B 73 -23.01 3.83 1.12
C GLU B 73 -22.88 2.54 1.93
N GLU B 74 -23.76 1.57 1.67
CA GLU B 74 -23.71 0.28 2.42
C GLU B 74 -22.42 -0.46 2.09
N LEU B 75 -22.06 -0.53 0.80
CA LEU B 75 -20.82 -1.28 0.44
C LEU B 75 -19.59 -0.54 0.98
N ASP B 76 -19.58 0.79 0.94
CA ASP B 76 -18.41 1.53 1.49
C ASP B 76 -18.25 1.20 2.98
N TYR B 77 -19.38 1.17 3.71
CA TYR B 77 -19.36 0.85 5.15
C TYR B 77 -18.75 -0.54 5.34
N CYS B 78 -19.19 -1.51 4.55
CA CYS B 78 -18.68 -2.90 4.68
C CYS B 78 -17.19 -2.97 4.34
N ILE B 79 -16.78 -2.35 3.24
CA ILE B 79 -15.36 -2.40 2.77
C ILE B 79 -14.44 -1.69 3.78
N ASN B 80 -14.84 -0.51 4.25
CA ASN B 80 -13.99 0.26 5.17
C ASN B 80 -13.84 -0.45 6.52
N ASN B 81 -14.89 -1.15 6.98
CA ASN B 81 -14.81 -1.84 8.29
C ASN B 81 -14.08 -3.17 8.14
N ALA B 82 -14.13 -3.78 6.95
CA ALA B 82 -13.45 -5.09 6.77
C ALA B 82 -11.94 -4.89 6.58
N TYR B 83 -11.58 -4.10 5.59
CA TYR B 83 -10.16 -4.00 5.16
C TYR B 83 -9.50 -2.83 5.88
N ASP B 84 -9.38 -2.94 7.20
CA ASP B 84 -8.82 -1.89 8.08
C ASP B 84 -7.53 -2.40 8.74
N SER B 85 -7.27 -1.99 9.99
CA SER B 85 -6.02 -2.35 10.71
C SER B 85 -5.98 -3.84 11.07
N LYS B 86 -7.07 -4.59 10.85
CA LYS B 86 -6.98 -6.07 11.05
C LYS B 86 -5.93 -6.60 10.07
N PHE B 87 -5.68 -5.87 8.97
CA PHE B 87 -4.69 -6.31 7.95
C PHE B 87 -3.35 -5.68 8.29
N ASP B 88 -2.28 -6.49 8.20
CA ASP B 88 -0.94 -6.04 8.68
C ASP B 88 -0.15 -5.28 7.60
N THR B 89 -0.71 -5.13 6.39
CA THR B 89 -0.08 -4.27 5.34
C THR B 89 -1.19 -3.50 4.64
N PRO B 90 -0.98 -2.20 4.32
CA PRO B 90 -1.96 -1.41 3.58
C PRO B 90 -2.32 -2.00 2.21
N ALA B 91 -1.44 -2.82 1.65
CA ALA B 91 -1.71 -3.43 0.31
C ALA B 91 -2.82 -4.49 0.42
N ILE B 92 -3.05 -5.02 1.62
CA ILE B 92 -4.07 -6.07 1.92
C ILE B 92 -3.63 -7.42 1.34
N ALA B 93 -3.44 -7.50 0.01
CA ALA B 93 -3.08 -8.77 -0.67
C ALA B 93 -1.95 -8.51 -1.65
N PRO B 94 -0.72 -8.30 -1.15
CA PRO B 94 0.40 -7.99 -2.03
C PRO B 94 0.81 -9.18 -2.89
N LEU B 95 1.22 -8.88 -4.11
CA LEU B 95 1.72 -9.88 -5.08
C LEU B 95 3.24 -9.83 -5.04
N VAL B 96 3.88 -10.97 -4.78
CA VAL B 96 5.37 -11.05 -4.64
C VAL B 96 5.92 -11.79 -5.85
N LYS B 97 6.92 -11.20 -6.50
CA LYS B 97 7.54 -11.80 -7.69
C LYS B 97 8.67 -12.74 -7.27
N LEU B 98 8.54 -14.01 -7.64
CA LEU B 98 9.60 -15.02 -7.38
C LEU B 98 10.23 -15.38 -8.73
N ASP B 99 11.20 -16.28 -8.72
CA ASP B 99 11.96 -16.57 -9.95
C ASP B 99 11.07 -17.09 -11.10
N GLY B 100 10.17 -18.02 -10.84
CA GLY B 100 9.36 -18.61 -11.93
C GLY B 100 7.86 -18.53 -11.69
N GLN B 101 7.43 -17.64 -10.81
CA GLN B 101 5.99 -17.52 -10.49
C GLN B 101 5.79 -16.25 -9.68
N TYR B 102 4.54 -15.85 -9.50
CA TYR B 102 4.17 -14.74 -8.59
C TYR B 102 3.32 -15.34 -7.48
N ASN B 103 3.53 -14.92 -6.24
CA ASN B 103 2.72 -15.42 -5.10
C ASN B 103 1.81 -14.31 -4.62
N LEU B 104 0.51 -14.55 -4.66
CA LEU B 104 -0.48 -13.58 -4.13
C LEU B 104 -0.64 -13.90 -2.65
N GLU B 105 -0.10 -13.07 -1.77
CA GLU B 105 -0.14 -13.34 -0.32
C GLU B 105 -1.50 -12.97 0.25
N LEU B 106 -2.28 -13.98 0.63
CA LEU B 106 -3.67 -13.77 1.14
C LEU B 106 -3.68 -14.00 2.66
N PHE B 107 -2.50 -13.91 3.29
CA PHE B 107 -2.34 -14.23 4.74
C PHE B 107 -1.99 -13.00 5.59
N HIS B 108 -2.42 -11.80 5.18
CA HIS B 108 -2.11 -10.57 5.95
C HIS B 108 -3.27 -10.14 6.86
N GLY B 109 -4.36 -10.92 6.89
CA GLY B 109 -5.49 -10.65 7.79
C GLY B 109 -5.24 -11.12 9.21
N SER B 110 -6.30 -11.01 10.04
N SER B 110 -6.25 -10.99 10.07
CA SER B 110 -6.27 -11.30 11.49
CA SER B 110 -6.07 -11.24 11.53
C SER B 110 -5.71 -12.68 11.82
C SER B 110 -5.78 -12.71 11.88
N THR B 111 -6.04 -13.69 11.00
CA THR B 111 -5.73 -15.10 11.34
C THR B 111 -4.72 -15.71 10.34
N ILE B 112 -4.04 -14.85 9.58
CA ILE B 112 -2.96 -15.23 8.61
C ILE B 112 -3.37 -16.43 7.75
N ALA B 113 -4.63 -16.40 7.30
CA ALA B 113 -5.15 -17.41 6.34
C ALA B 113 -6.14 -16.70 5.42
N PHE B 114 -6.28 -17.18 4.19
CA PHE B 114 -7.08 -16.43 3.19
C PHE B 114 -8.56 -16.37 3.55
N LYS B 115 -9.06 -17.24 4.42
CA LYS B 115 -10.50 -17.17 4.77
C LYS B 115 -10.82 -15.83 5.43
N ASP B 116 -9.79 -15.12 5.90
CA ASP B 116 -9.98 -13.76 6.46
C ASP B 116 -10.50 -12.77 5.41
N MSE B 117 -10.16 -13.00 4.13
CA MSE B 117 -10.53 -12.03 3.10
C MSE B 117 -12.04 -11.81 3.08
O MSE B 117 -12.49 -10.67 3.07
CB MSE B 117 -10.00 -12.48 1.74
CG MSE B 117 -8.48 -12.59 1.67
SE MSE B 117 -7.54 -10.91 2.05
CE MSE B 117 -7.94 -9.93 0.42
N ALA B 118 -12.81 -12.90 3.09
CA ALA B 118 -14.25 -12.75 3.07
C ALA B 118 -14.83 -12.71 4.49
N LEU B 119 -14.25 -13.43 5.46
CA LEU B 119 -14.85 -13.41 6.82
C LEU B 119 -14.64 -12.07 7.51
N SER B 120 -13.73 -11.24 7.03
CA SER B 120 -13.58 -9.87 7.60
C SER B 120 -14.78 -9.02 7.20
N ILE B 121 -15.41 -9.33 6.06
CA ILE B 121 -16.50 -8.45 5.55
C ILE B 121 -17.89 -9.09 5.70
N LEU B 122 -17.95 -10.42 5.77
CA LEU B 122 -19.27 -11.11 5.89
C LEU B 122 -20.13 -10.53 7.03
N PRO B 123 -19.58 -10.25 8.24
CA PRO B 123 -20.42 -9.76 9.33
C PRO B 123 -21.13 -8.45 8.96
N TYR B 124 -20.43 -7.56 8.27
CA TYR B 124 -21.02 -6.26 7.87
C TYR B 124 -22.06 -6.48 6.77
N PHE B 125 -21.82 -7.42 5.86
CA PHE B 125 -22.88 -7.71 4.86
C PHE B 125 -24.15 -8.17 5.57
N MSE B 126 -23.97 -8.98 6.62
N MSE B 126 -23.95 -9.01 6.60
CA MSE B 126 -25.14 -9.56 7.29
CA MSE B 126 -25.05 -9.59 7.37
C MSE B 126 -25.91 -8.53 8.11
C MSE B 126 -25.88 -8.51 8.06
O MSE B 126 -27.14 -8.52 8.06
O MSE B 126 -27.09 -8.43 7.85
CB MSE B 126 -24.69 -10.73 8.16
CB MSE B 126 -24.51 -10.52 8.46
CG MSE B 126 -24.34 -11.93 7.36
CG MSE B 126 -23.88 -11.78 7.96
SE MSE B 126 -23.86 -13.38 8.55
SE MSE B 126 -25.24 -13.16 7.70
CE MSE B 126 -23.81 -14.94 7.39
CE MSE B 126 -24.26 -14.62 6.83
N THR B 127 -25.22 -7.71 8.90
CA THR B 127 -25.92 -6.70 9.69
C THR B 127 -26.56 -5.68 8.75
N THR B 128 -25.89 -5.34 7.66
CA THR B 128 -26.45 -4.38 6.67
C THR B 128 -27.69 -5.02 6.02
N ALA B 129 -27.59 -6.29 5.64
CA ALA B 129 -28.74 -6.98 5.00
C ALA B 129 -29.93 -7.03 5.97
N ALA B 130 -29.67 -7.33 7.25
CA ALA B 130 -30.75 -7.40 8.26
C ALA B 130 -31.50 -6.07 8.31
N LYS B 131 -30.76 -4.97 8.49
N LYS B 131 -30.74 -4.95 8.29
CA LYS B 131 -31.40 -3.62 8.61
CA LYS B 131 -31.35 -3.60 8.32
C LYS B 131 -32.20 -3.30 7.34
C LYS B 131 -32.12 -3.32 7.02
N LYS B 132 -31.67 -3.63 6.17
N LYS B 132 -31.57 -3.70 5.86
CA LYS B 132 -32.30 -3.37 4.84
CA LYS B 132 -32.27 -3.45 4.57
C LYS B 132 -33.68 -4.05 4.76
C LYS B 132 -33.63 -4.15 4.56
N HIS B 133 -33.76 -5.32 5.20
CA HIS B 133 -35.01 -6.12 5.17
C HIS B 133 -35.89 -5.81 6.38
N GLY B 134 -35.51 -4.81 7.18
CA GLY B 134 -36.33 -4.39 8.34
C GLY B 134 -36.36 -5.42 9.44
N LEU B 135 -35.28 -6.21 9.56
CA LEU B 135 -35.17 -7.26 10.61
C LEU B 135 -34.37 -6.71 11.79
N GLU B 136 -35.05 -6.47 12.91
CA GLU B 136 -34.40 -5.94 14.14
C GLU B 136 -33.93 -7.14 14.97
N ASN B 137 -33.26 -8.09 14.32
CA ASN B 137 -32.78 -9.31 15.03
C ASN B 137 -31.26 -9.34 15.10
N LYS B 138 -30.75 -9.89 16.20
CA LYS B 138 -29.30 -10.17 16.26
C LYS B 138 -29.09 -11.45 15.46
N ILE B 139 -28.06 -11.47 14.62
N ILE B 139 -28.04 -11.48 14.64
CA ILE B 139 -27.74 -12.66 13.78
CA ILE B 139 -27.74 -12.66 13.78
C ILE B 139 -26.86 -13.60 14.60
C ILE B 139 -26.83 -13.62 14.55
N VAL B 140 -27.29 -14.86 14.75
CA VAL B 140 -26.52 -15.89 15.48
C VAL B 140 -25.94 -16.87 14.47
N ILE B 141 -24.62 -16.90 14.37
CA ILE B 141 -23.91 -17.82 13.45
C ILE B 141 -23.53 -19.09 14.20
N LEU B 142 -23.91 -20.25 13.66
CA LEU B 142 -23.45 -21.57 14.18
C LEU B 142 -22.45 -22.12 13.17
N THR B 143 -21.26 -22.54 13.64
CA THR B 143 -20.17 -23.07 12.79
C THR B 143 -19.63 -24.35 13.42
N ALA B 144 -19.65 -25.47 12.69
CA ALA B 144 -19.02 -26.72 13.19
C ALA B 144 -17.88 -27.05 12.23
N THR B 145 -16.62 -26.89 12.68
CA THR B 145 -15.49 -27.14 11.75
C THR B 145 -14.26 -27.68 12.46
N SER B 146 -13.42 -28.44 11.74
CA SER B 146 -12.14 -28.94 12.30
C SER B 146 -10.99 -28.17 11.67
N GLY B 147 -11.32 -27.18 10.83
CA GLY B 147 -10.29 -26.44 10.07
C GLY B 147 -10.09 -25.00 10.55
N ASP B 148 -9.36 -24.24 9.76
CA ASP B 148 -9.01 -22.84 10.12
C ASP B 148 -10.21 -21.90 9.96
N THR B 149 -11.34 -22.40 9.43
CA THR B 149 -12.54 -21.54 9.30
C THR B 149 -12.98 -21.08 10.69
N GLY B 150 -12.85 -21.94 11.71
CA GLY B 150 -13.33 -21.59 13.06
C GLY B 150 -12.69 -20.33 13.56
N LYS B 151 -11.36 -20.30 13.56
CA LYS B 151 -10.63 -19.09 14.03
C LYS B 151 -10.94 -17.90 13.12
N ALA B 152 -10.95 -18.09 11.80
CA ALA B 152 -11.20 -16.95 10.87
C ALA B 152 -12.60 -16.38 11.12
N ALA B 153 -13.58 -17.26 11.36
CA ALA B 153 -14.97 -16.78 11.56
C ALA B 153 -15.07 -16.01 12.88
N MSE B 154 -14.45 -16.54 13.94
CA MSE B 154 -14.49 -15.87 15.23
C MSE B 154 -13.84 -14.49 15.14
O MSE B 154 -14.36 -13.50 15.64
CB MSE B 154 -13.74 -16.67 16.31
CG MSE B 154 -14.39 -17.98 16.68
SE MSE B 154 -13.23 -18.90 17.98
CE MSE B 154 -13.79 -18.08 19.67
N ALA B 155 -12.67 -14.42 14.48
CA ALA B 155 -11.94 -13.17 14.38
C ALA B 155 -12.71 -12.15 13.54
N GLY B 156 -13.42 -12.62 12.51
CA GLY B 156 -14.20 -11.70 11.65
C GLY B 156 -15.41 -11.15 12.38
N PHE B 157 -16.11 -11.99 13.13
CA PHE B 157 -17.35 -11.55 13.83
C PHE B 157 -17.05 -10.90 15.19
N ALA B 158 -15.85 -11.06 15.74
CA ALA B 158 -15.54 -10.53 17.08
C ALA B 158 -15.88 -9.04 17.18
N ASN B 159 -16.69 -8.70 18.17
CA ASN B 159 -17.02 -7.29 18.51
C ASN B 159 -17.79 -6.60 17.38
N VAL B 160 -18.45 -7.37 16.52
CA VAL B 160 -19.33 -6.72 15.50
C VAL B 160 -20.73 -6.68 16.10
N PRO B 161 -21.26 -5.48 16.44
CA PRO B 161 -22.60 -5.41 17.03
C PRO B 161 -23.67 -6.00 16.11
N GLY B 162 -24.69 -6.62 16.71
CA GLY B 162 -25.78 -7.25 15.95
C GLY B 162 -25.44 -8.65 15.50
N THR B 163 -24.32 -9.19 15.98
CA THR B 163 -23.93 -10.57 15.61
C THR B 163 -23.42 -11.33 16.84
N GLU B 164 -23.61 -12.65 16.79
N GLU B 164 -23.55 -12.66 16.76
CA GLU B 164 -23.11 -13.63 17.78
CA GLU B 164 -23.08 -13.60 17.82
C GLU B 164 -22.56 -14.81 16.99
C GLU B 164 -22.62 -14.86 17.08
N ILE B 165 -21.45 -15.41 17.44
CA ILE B 165 -20.97 -16.62 16.74
C ILE B 165 -20.61 -17.69 17.75
N ILE B 166 -21.10 -18.90 17.50
CA ILE B 166 -20.80 -20.10 18.32
C ILE B 166 -20.09 -21.09 17.40
N VAL B 167 -18.83 -21.40 17.73
CA VAL B 167 -18.00 -22.34 16.93
C VAL B 167 -17.85 -23.65 17.69
N PHE B 168 -18.09 -24.76 17.00
CA PHE B 168 -17.90 -26.12 17.56
C PHE B 168 -16.71 -26.74 16.84
N TYR B 169 -15.80 -27.36 17.58
CA TYR B 169 -14.63 -28.03 16.95
C TYR B 169 -14.44 -29.38 17.65
N PRO B 170 -13.81 -30.38 17.00
CA PRO B 170 -13.60 -31.69 17.61
C PRO B 170 -12.54 -31.65 18.71
N LYS B 171 -12.91 -32.07 19.92
N LYS B 171 -12.90 -32.13 19.90
CA LYS B 171 -12.02 -32.04 21.11
CA LYS B 171 -11.96 -32.19 21.05
C LYS B 171 -10.64 -32.64 20.79
C LYS B 171 -10.79 -33.10 20.66
N ASP B 172 -10.62 -33.88 20.30
N ASP B 172 -9.56 -32.67 20.98
CA ASP B 172 -9.35 -34.58 20.01
CA ASP B 172 -8.34 -33.48 20.67
C ASP B 172 -9.10 -34.61 18.50
C ASP B 172 -8.32 -33.81 19.17
N GLY B 173 -9.22 -33.46 17.85
N GLY B 173 -9.10 -33.09 18.36
CA GLY B 173 -9.04 -33.44 16.38
CA GLY B 173 -9.17 -33.34 16.90
C GLY B 173 -8.28 -32.23 15.87
C GLY B 173 -8.55 -32.20 16.09
N VAL B 174 -7.76 -31.36 16.75
CA VAL B 174 -7.04 -30.18 16.18
C VAL B 174 -5.66 -30.06 16.84
N SER B 175 -4.72 -29.38 16.17
CA SER B 175 -3.36 -29.17 16.73
C SER B 175 -3.43 -28.27 17.97
N LYS B 176 -2.37 -28.27 18.77
CA LYS B 176 -2.36 -27.40 19.97
C LYS B 176 -2.41 -25.93 19.55
N ILE B 177 -1.68 -25.56 18.49
CA ILE B 177 -1.65 -24.14 18.05
C ILE B 177 -3.03 -23.75 17.48
N GLN B 178 -3.73 -24.67 16.81
CA GLN B 178 -5.07 -24.34 16.27
C GLN B 178 -6.05 -24.18 17.45
N GLU B 179 -5.95 -25.09 18.42
CA GLU B 179 -6.84 -25.00 19.61
C GLU B 179 -6.63 -23.66 20.32
N LEU B 180 -5.37 -23.31 20.62
CA LEU B 180 -5.11 -22.05 21.36
C LEU B 180 -5.53 -20.83 20.54
N GLN B 181 -5.41 -20.87 19.21
CA GLN B 181 -5.89 -19.71 18.41
C GLN B 181 -7.36 -19.45 18.72
N MSE B 182 -8.15 -20.52 18.85
CA MSE B 182 -9.57 -20.37 19.11
C MSE B 182 -9.87 -20.11 20.59
O MSE B 182 -10.68 -19.24 20.90
CB MSE B 182 -10.34 -21.61 18.63
CG MSE B 182 -10.38 -21.73 17.14
SE MSE B 182 -11.40 -23.29 16.55
CE MSE B 182 -10.27 -24.75 17.16
N THR B 183 -9.25 -20.84 21.51
CA THR B 183 -9.62 -20.74 22.91
C THR B 183 -9.08 -19.46 23.56
N THR B 184 -8.18 -18.74 22.89
CA THR B 184 -7.66 -17.45 23.43
C THR B 184 -8.34 -16.28 22.72
N GLN B 185 -9.19 -16.58 21.73
CA GLN B 185 -9.87 -15.51 20.94
C GLN B 185 -10.71 -14.59 21.84
N THR B 186 -10.53 -13.28 21.66
CA THR B 186 -11.30 -12.29 22.44
C THR B 186 -12.57 -11.92 21.68
N GLY B 187 -13.53 -11.31 22.37
CA GLY B 187 -14.84 -10.92 21.79
C GLY B 187 -15.96 -11.57 22.58
N ASP B 188 -16.73 -10.77 23.31
CA ASP B 188 -17.81 -11.33 24.17
C ASP B 188 -18.92 -11.92 23.31
N ASN B 189 -18.96 -11.61 22.01
CA ASN B 189 -20.02 -12.18 21.13
C ASN B 189 -19.49 -13.43 20.43
N THR B 190 -18.33 -13.93 20.85
CA THR B 190 -17.74 -15.16 20.25
C THR B 190 -17.67 -16.24 21.32
N HIS B 191 -17.93 -17.47 20.89
N HIS B 191 -17.96 -17.48 20.94
CA HIS B 191 -17.95 -18.65 21.79
CA HIS B 191 -17.89 -18.61 21.90
C HIS B 191 -17.34 -19.82 21.03
C HIS B 191 -17.47 -19.87 21.15
N VAL B 192 -16.50 -20.61 21.70
CA VAL B 192 -15.98 -21.82 21.03
C VAL B 192 -16.18 -22.97 22.01
N ILE B 193 -16.73 -24.06 21.50
CA ILE B 193 -17.09 -25.24 22.31
C ILE B 193 -16.43 -26.48 21.68
N ALA B 194 -15.66 -27.20 22.49
CA ALA B 194 -15.06 -28.47 22.02
C ALA B 194 -16.15 -29.55 22.09
N ILE B 195 -16.20 -30.42 21.10
CA ILE B 195 -17.22 -31.51 21.06
C ILE B 195 -16.54 -32.85 21.35
N ASP B 196 -17.07 -33.56 22.35
CA ASP B 196 -16.59 -34.93 22.70
C ASP B 196 -17.47 -35.92 21.93
N GLY B 197 -16.86 -36.75 21.08
CA GLY B 197 -17.61 -37.76 20.32
C GLY B 197 -17.42 -37.61 18.81
N ASN B 198 -18.32 -38.23 18.05
CA ASN B 198 -18.28 -38.22 16.56
C ASN B 198 -18.55 -36.80 16.08
N PHE B 199 -17.59 -36.17 15.41
CA PHE B 199 -17.79 -34.77 14.98
C PHE B 199 -18.79 -34.69 13.82
N ASP B 200 -19.05 -35.81 13.12
CA ASP B 200 -20.10 -35.79 12.06
C ASP B 200 -21.44 -35.43 12.68
N ASP B 201 -21.71 -35.93 13.90
CA ASP B 201 -22.97 -35.62 14.62
C ASP B 201 -23.07 -34.12 14.88
N ALA B 202 -21.94 -33.47 15.16
CA ALA B 202 -21.93 -32.01 15.43
C ALA B 202 -22.41 -31.27 14.18
N GLN B 203 -21.90 -31.65 12.99
CA GLN B 203 -22.31 -30.97 11.74
C GLN B 203 -23.80 -31.27 11.50
N THR B 204 -24.22 -32.51 11.75
CA THR B 204 -25.66 -32.87 11.58
C THR B 204 -26.51 -32.04 12.55
N ASN B 205 -26.06 -31.88 13.79
CA ASN B 205 -26.87 -31.14 14.81
C ASN B 205 -27.01 -29.66 14.43
N VAL B 206 -25.98 -29.08 13.81
CA VAL B 206 -26.10 -27.65 13.39
C VAL B 206 -27.19 -27.56 12.31
N LYS B 207 -27.15 -28.47 11.33
CA LYS B 207 -28.17 -28.45 10.26
C LYS B 207 -29.55 -28.65 10.90
N HIS B 208 -29.65 -29.54 11.88
CA HIS B 208 -30.95 -29.81 12.55
C HIS B 208 -31.47 -28.52 13.18
N MSE B 209 -30.60 -27.79 13.89
CA MSE B 209 -30.99 -26.57 14.54
C MSE B 209 -31.48 -25.53 13.51
O MSE B 209 -32.48 -24.86 13.74
CB MSE B 209 -29.85 -26.02 15.40
CG MSE B 209 -29.78 -26.67 16.77
SE MSE B 209 -28.36 -25.88 17.84
CE MSE B 209 -26.84 -27.08 17.59
N PHE B 210 -30.77 -25.41 12.37
CA PHE B 210 -31.15 -24.46 11.34
C PHE B 210 -32.54 -24.77 10.77
N ASN B 211 -32.94 -26.06 10.79
CA ASN B 211 -34.23 -26.52 10.20
C ASN B 211 -35.31 -26.73 11.26
N ASP B 212 -34.99 -26.50 12.54
CA ASP B 212 -35.96 -26.73 13.64
C ASP B 212 -37.00 -25.59 13.67
N VAL B 213 -38.24 -25.90 13.31
CA VAL B 213 -39.35 -24.89 13.23
C VAL B 213 -39.62 -24.28 14.62
N ALA B 214 -39.73 -25.13 15.65
CA ALA B 214 -40.05 -24.67 17.02
C ALA B 214 -38.93 -23.75 17.52
N LEU B 215 -37.68 -24.16 17.28
CA LEU B 215 -36.51 -23.35 17.72
C LEU B 215 -36.54 -22.01 16.98
N ARG B 216 -36.86 -22.02 15.68
CA ARG B 216 -36.92 -20.77 14.88
C ARG B 216 -37.93 -19.81 15.53
N GLU B 217 -39.08 -20.33 15.97
CA GLU B 217 -40.12 -19.50 16.63
C GLU B 217 -39.55 -18.86 17.89
N LYS B 218 -38.79 -19.64 18.68
CA LYS B 218 -38.20 -19.11 19.94
C LYS B 218 -37.21 -17.98 19.62
N LEU B 219 -36.33 -18.17 18.63
N LEU B 219 -36.36 -18.18 18.61
CA LEU B 219 -35.36 -17.11 18.29
CA LEU B 219 -35.35 -17.17 18.21
C LEU B 219 -36.08 -15.82 17.84
C LEU B 219 -36.04 -15.85 17.78
N THR B 220 -37.13 -15.98 17.00
CA THR B 220 -37.89 -14.81 16.50
C THR B 220 -38.45 -14.04 17.70
N THR B 221 -39.05 -14.75 18.66
CA THR B 221 -39.65 -14.14 19.87
C THR B 221 -38.58 -13.37 20.66
N ASN B 222 -37.32 -13.84 20.62
CA ASN B 222 -36.22 -13.19 21.38
C ASN B 222 -35.39 -12.27 20.48
N LYS B 223 -35.92 -11.91 19.30
CA LYS B 223 -35.26 -10.98 18.35
C LYS B 223 -33.88 -11.54 17.95
N LEU B 224 -33.86 -12.82 17.59
CA LEU B 224 -32.65 -13.52 17.11
C LEU B 224 -32.99 -14.24 15.81
N GLN B 225 -31.99 -14.49 14.99
CA GLN B 225 -32.21 -15.36 13.81
C GLN B 225 -30.88 -16.02 13.46
N PHE B 226 -30.95 -17.28 13.09
CA PHE B 226 -29.71 -18.01 12.69
C PHE B 226 -29.30 -17.61 11.29
N SER B 227 -27.98 -17.66 11.07
CA SER B 227 -27.41 -17.61 9.72
C SER B 227 -26.24 -18.58 9.71
N SER B 228 -25.67 -18.79 8.53
N SER B 228 -25.67 -18.82 8.54
CA SER B 228 -24.51 -19.70 8.37
CA SER B 228 -24.52 -19.76 8.42
C SER B 228 -23.35 -18.94 7.74
C SER B 228 -23.37 -19.06 7.69
N ALA B 229 -22.14 -19.26 8.18
CA ALA B 229 -20.93 -18.66 7.57
C ALA B 229 -20.10 -19.81 7.01
N ASN B 230 -20.78 -20.84 6.52
CA ASN B 230 -20.03 -22.03 6.04
C ASN B 230 -19.55 -21.78 4.60
N SER B 231 -18.92 -22.80 4.04
CA SER B 231 -18.25 -22.69 2.72
C SER B 231 -19.20 -22.32 1.60
N MSE B 232 -20.51 -22.46 1.82
N MSE B 232 -20.51 -22.52 1.84
CA MSE B 232 -21.43 -22.26 0.71
CA MSE B 232 -21.54 -22.36 0.83
C MSE B 232 -22.13 -20.91 0.75
C MSE B 232 -22.22 -20.99 0.84
O MSE B 232 -22.90 -20.59 -0.16
O MSE B 232 -23.08 -20.73 0.00
CB MSE B 232 -22.39 -23.44 0.65
CB MSE B 232 -22.58 -23.47 1.03
CG MSE B 232 -21.64 -24.69 0.24
CG MSE B 232 -22.02 -24.87 0.89
SE MSE B 232 -22.63 -26.32 0.59
SE MSE B 232 -21.73 -25.80 2.60
CE MSE B 232 -23.73 -26.02 2.14
CE MSE B 232 -23.10 -27.20 2.79
N ASN B 233 -21.83 -20.09 1.75
CA ASN B 233 -22.44 -18.76 1.80
C ASN B 233 -21.88 -17.93 0.65
N ILE B 234 -22.73 -17.38 -0.22
CA ILE B 234 -22.23 -16.56 -1.36
C ILE B 234 -21.41 -15.37 -0.86
N GLY B 235 -21.66 -14.90 0.37
CA GLY B 235 -20.91 -13.76 0.95
C GLY B 235 -19.47 -14.13 1.24
N ARG B 236 -19.16 -15.43 1.30
CA ARG B 236 -17.73 -15.83 1.47
C ARG B 236 -17.07 -16.02 0.11
N LEU B 237 -17.85 -16.16 -0.96
N LEU B 237 -17.87 -16.22 -0.95
CA LEU B 237 -17.20 -16.41 -2.27
CA LEU B 237 -17.35 -16.47 -2.31
C LEU B 237 -17.01 -15.09 -3.03
C LEU B 237 -17.06 -15.15 -3.03
N VAL B 238 -18.04 -14.25 -3.07
CA VAL B 238 -17.93 -13.00 -3.88
C VAL B 238 -16.74 -12.12 -3.48
N PRO B 239 -16.40 -11.92 -2.19
CA PRO B 239 -15.22 -11.09 -1.87
C PRO B 239 -13.91 -11.68 -2.39
N GLN B 240 -13.89 -12.97 -2.71
CA GLN B 240 -12.66 -13.66 -3.20
C GLN B 240 -12.42 -13.30 -4.67
N ILE B 241 -13.46 -12.90 -5.39
CA ILE B 241 -13.29 -12.47 -6.81
C ILE B 241 -12.36 -11.26 -6.84
N VAL B 242 -12.49 -10.39 -5.85
CA VAL B 242 -11.76 -9.10 -5.80
C VAL B 242 -10.26 -9.31 -5.96
N TYR B 243 -9.67 -10.27 -5.24
CA TYR B 243 -8.19 -10.30 -5.23
C TYR B 243 -7.61 -10.91 -6.51
N TYR B 244 -8.40 -11.63 -7.30
CA TYR B 244 -7.89 -12.06 -8.63
C TYR B 244 -7.74 -10.82 -9.54
N VAL B 245 -8.73 -9.92 -9.50
CA VAL B 245 -8.66 -8.66 -10.27
C VAL B 245 -7.49 -7.81 -9.73
N TYR B 246 -7.31 -7.77 -8.41
CA TYR B 246 -6.20 -6.99 -7.80
C TYR B 246 -4.84 -7.57 -8.20
N ALA B 247 -4.73 -8.89 -8.24
CA ALA B 247 -3.44 -9.52 -8.63
C ALA B 247 -3.07 -9.11 -10.05
N TYR B 248 -4.05 -9.17 -10.95
CA TYR B 248 -3.84 -8.79 -12.36
C TYR B 248 -3.43 -7.32 -12.43
N ALA B 249 -4.12 -6.48 -11.64
CA ALA B 249 -3.82 -5.04 -11.64
C ALA B 249 -2.36 -4.81 -11.20
N GLN B 250 -1.88 -5.59 -10.23
CA GLN B 250 -0.48 -5.42 -9.75
C GLN B 250 0.52 -5.83 -10.84
N LEU B 251 0.20 -6.88 -11.60
CA LEU B 251 1.10 -7.30 -12.72
C LEU B 251 1.17 -6.17 -13.75
N VAL B 252 0.04 -5.50 -14.00
CA VAL B 252 0.05 -4.37 -14.97
C VAL B 252 0.84 -3.20 -14.36
N LYS B 253 0.57 -2.87 -13.10
CA LYS B 253 1.21 -1.72 -12.43
C LYS B 253 2.74 -1.86 -12.46
N THR B 254 3.25 -3.06 -12.18
CA THR B 254 4.71 -3.31 -12.06
C THR B 254 5.35 -3.59 -13.42
N GLY B 255 4.57 -3.55 -14.52
CA GLY B 255 5.12 -3.77 -15.87
C GLY B 255 5.42 -5.23 -16.20
N GLU B 256 4.94 -6.17 -15.39
CA GLU B 256 5.19 -7.62 -15.68
C GLU B 256 4.37 -8.05 -16.89
N ILE B 257 3.19 -7.46 -17.06
CA ILE B 257 2.33 -7.74 -18.25
C ILE B 257 1.74 -6.42 -18.73
N VAL B 258 1.24 -6.42 -19.97
CA VAL B 258 0.36 -5.30 -20.40
C VAL B 258 -1.08 -5.82 -20.30
N ALA B 259 -2.02 -4.91 -20.07
CA ALA B 259 -3.44 -5.30 -19.96
C ALA B 259 -3.86 -6.05 -21.24
N GLY B 260 -4.59 -7.16 -21.08
CA GLY B 260 -5.01 -7.98 -22.24
C GLY B 260 -4.25 -9.29 -22.28
N GLU B 261 -3.03 -9.30 -21.72
N GLU B 261 -3.04 -9.31 -21.71
CA GLU B 261 -2.27 -10.57 -21.68
CA GLU B 261 -2.20 -10.54 -21.67
C GLU B 261 -2.97 -11.54 -20.71
C GLU B 261 -2.85 -11.53 -20.69
N LYS B 262 -3.02 -12.79 -21.09
CA LYS B 262 -3.65 -13.78 -20.20
C LYS B 262 -2.66 -14.17 -19.11
N VAL B 263 -3.21 -14.50 -17.95
N VAL B 263 -3.21 -14.50 -17.94
CA VAL B 263 -2.39 -15.05 -16.84
CA VAL B 263 -2.45 -14.93 -16.72
C VAL B 263 -3.10 -16.29 -16.35
C VAL B 263 -3.13 -16.19 -16.16
N ASN B 264 -2.35 -17.16 -15.67
CA ASN B 264 -2.94 -18.36 -15.06
C ASN B 264 -2.99 -18.15 -13.56
N PHE B 265 -3.88 -18.88 -12.89
CA PHE B 265 -3.92 -18.90 -11.41
C PHE B 265 -3.86 -20.35 -10.97
N THR B 266 -2.92 -20.67 -10.07
CA THR B 266 -2.89 -22.01 -9.46
C THR B 266 -3.44 -21.83 -8.04
N VAL B 267 -4.46 -22.61 -7.69
CA VAL B 267 -5.15 -22.39 -6.40
C VAL B 267 -5.15 -23.67 -5.57
N PRO B 268 -4.61 -23.61 -4.34
CA PRO B 268 -4.64 -24.75 -3.41
C PRO B 268 -6.11 -24.92 -3.05
N THR B 269 -6.70 -26.05 -3.43
CA THR B 269 -8.17 -26.18 -3.40
C THR B 269 -8.67 -27.22 -2.40
N GLY B 270 -9.71 -26.84 -1.67
CA GLY B 270 -10.42 -27.74 -0.74
C GLY B 270 -11.87 -27.81 -1.16
N ASN B 271 -12.66 -26.84 -0.72
CA ASN B 271 -14.11 -26.76 -1.06
C ASN B 271 -14.38 -25.96 -2.35
N PHE B 272 -13.36 -25.49 -3.04
CA PHE B 272 -13.50 -24.97 -4.44
C PHE B 272 -13.96 -23.51 -4.52
N GLY B 273 -14.27 -22.86 -3.41
CA GLY B 273 -14.72 -21.46 -3.52
C GLY B 273 -13.65 -20.50 -4.01
N ASN B 274 -12.39 -20.73 -3.67
CA ASN B 274 -11.30 -19.80 -4.06
C ASN B 274 -11.14 -19.87 -5.59
N ILE B 275 -11.01 -21.08 -6.13
CA ILE B 275 -10.81 -21.20 -7.60
C ILE B 275 -12.11 -20.83 -8.33
N LEU B 276 -13.27 -21.08 -7.72
CA LEU B 276 -14.53 -20.66 -8.38
C LEU B 276 -14.58 -19.12 -8.45
N ALA B 277 -14.06 -18.44 -7.42
CA ALA B 277 -14.03 -16.96 -7.47
C ALA B 277 -13.16 -16.50 -8.66
N ALA B 278 -12.07 -17.24 -8.93
CA ALA B 278 -11.22 -16.86 -10.09
C ALA B 278 -12.00 -17.08 -11.39
N PHE B 279 -12.82 -18.14 -11.41
CA PHE B 279 -13.68 -18.41 -12.59
C PHE B 279 -14.67 -17.25 -12.77
N TYR B 280 -15.26 -16.76 -11.67
CA TYR B 280 -16.20 -15.62 -11.80
C TYR B 280 -15.43 -14.37 -12.26
N ALA B 281 -14.17 -14.22 -11.83
CA ALA B 281 -13.37 -13.06 -12.29
C ALA B 281 -13.22 -13.16 -13.82
N LYS B 282 -12.93 -14.36 -14.31
CA LYS B 282 -12.81 -14.54 -15.78
C LYS B 282 -14.14 -14.21 -16.46
N GLN B 283 -15.26 -14.58 -15.84
CA GLN B 283 -16.59 -14.36 -16.47
C GLN B 283 -16.90 -12.86 -16.54
N ILE B 284 -16.31 -12.03 -15.67
CA ILE B 284 -16.59 -10.57 -15.76
C ILE B 284 -15.51 -9.88 -16.59
N GLY B 285 -14.62 -10.66 -17.22
CA GLY B 285 -13.65 -10.10 -18.18
C GLY B 285 -12.18 -10.21 -17.79
N LEU B 286 -11.85 -10.84 -16.67
CA LEU B 286 -10.40 -10.92 -16.32
C LEU B 286 -9.70 -11.84 -17.32
N PRO B 287 -8.58 -11.41 -17.94
CA PRO B 287 -7.86 -12.25 -18.90
C PRO B 287 -7.16 -13.43 -18.22
N VAL B 288 -7.89 -14.54 -18.14
CA VAL B 288 -7.39 -15.79 -17.49
C VAL B 288 -7.15 -16.83 -18.57
N GLY B 289 -5.95 -17.42 -18.58
CA GLY B 289 -5.64 -18.48 -19.55
C GLY B 289 -6.03 -19.86 -19.02
N LYS B 290 -5.72 -20.14 -17.77
CA LYS B 290 -5.99 -21.45 -17.15
C LYS B 290 -6.14 -21.30 -15.63
N LEU B 291 -7.07 -22.06 -15.06
CA LEU B 291 -7.25 -22.18 -13.60
C LEU B 291 -6.75 -23.57 -13.23
N ILE B 292 -5.66 -23.62 -12.48
CA ILE B 292 -5.03 -24.93 -12.13
C ILE B 292 -5.44 -25.27 -10.69
N CYS B 293 -6.21 -26.33 -10.58
CA CYS B 293 -6.71 -26.85 -9.30
C CYS B 293 -5.64 -27.73 -8.67
N ALA B 294 -5.11 -27.29 -7.53
CA ALA B 294 -4.03 -28.05 -6.84
C ALA B 294 -4.64 -28.79 -5.66
N SER B 295 -4.37 -30.09 -5.59
CA SER B 295 -4.87 -30.96 -4.51
C SER B 295 -3.71 -31.62 -3.78
N ASN B 296 -3.96 -32.08 -2.57
CA ASN B 296 -2.97 -32.92 -1.84
C ASN B 296 -3.31 -34.39 -2.11
N ASP B 297 -2.80 -35.31 -1.28
CA ASP B 297 -3.06 -36.77 -1.45
C ASP B 297 -4.56 -37.05 -1.56
N ASN B 298 -5.39 -36.19 -0.95
CA ASN B 298 -6.88 -36.30 -1.05
C ASN B 298 -7.22 -35.71 -2.41
N ASN B 299 -7.14 -36.53 -3.46
CA ASN B 299 -7.15 -36.02 -4.85
C ASN B 299 -8.43 -36.35 -5.61
N VAL B 300 -9.58 -36.36 -4.94
CA VAL B 300 -10.88 -36.58 -5.63
C VAL B 300 -11.05 -35.53 -6.76
N LEU B 301 -10.62 -34.28 -6.55
CA LEU B 301 -10.80 -33.26 -7.62
C LEU B 301 -9.88 -33.55 -8.81
N THR B 302 -8.66 -33.99 -8.54
CA THR B 302 -7.72 -34.30 -9.65
C THR B 302 -8.36 -35.39 -10.52
N ASP B 303 -8.88 -36.43 -9.87
CA ASP B 303 -9.50 -37.55 -10.61
C ASP B 303 -10.72 -37.02 -11.39
N PHE B 304 -11.47 -36.11 -10.79
CA PHE B 304 -12.65 -35.54 -11.49
C PHE B 304 -12.22 -34.82 -12.78
N PHE B 305 -11.22 -33.95 -12.68
CA PHE B 305 -10.83 -33.19 -13.90
C PHE B 305 -10.18 -34.10 -14.94
N LYS B 306 -9.53 -35.20 -14.52
N LYS B 306 -9.54 -35.20 -14.51
CA LYS B 306 -8.85 -36.05 -15.52
CA LYS B 306 -8.82 -36.10 -15.45
C LYS B 306 -9.80 -37.12 -16.10
C LYS B 306 -9.73 -37.21 -16.00
N THR B 307 -10.90 -37.45 -15.40
CA THR B 307 -11.80 -38.55 -15.88
C THR B 307 -13.27 -38.13 -16.03
N ARG B 308 -13.67 -36.98 -15.47
CA ARG B 308 -15.08 -36.48 -15.45
C ARG B 308 -15.91 -37.34 -14.51
N VAL B 309 -15.25 -38.18 -13.71
CA VAL B 309 -15.97 -38.98 -12.67
C VAL B 309 -15.60 -38.42 -11.29
N TYR B 310 -16.62 -38.02 -10.53
CA TYR B 310 -16.42 -37.55 -9.13
C TYR B 310 -16.74 -38.74 -8.24
N ASP B 311 -15.75 -39.31 -7.57
CA ASP B 311 -15.95 -40.55 -6.77
C ASP B 311 -15.45 -40.30 -5.34
N LYS B 312 -16.36 -40.21 -4.37
CA LYS B 312 -15.97 -39.92 -2.96
C LYS B 312 -15.72 -41.22 -2.19
N LYS B 313 -15.86 -42.38 -2.84
CA LYS B 313 -15.62 -43.70 -2.19
C LYS B 313 -14.11 -43.99 -2.29
N ARG B 314 -13.34 -43.39 -1.39
N ARG B 314 -13.33 -43.39 -1.40
CA ARG B 314 -11.85 -43.53 -1.42
CA ARG B 314 -11.85 -43.51 -1.44
C ARG B 314 -11.30 -43.34 -0.01
C ARG B 314 -11.28 -43.30 -0.03
N GLU B 315 -10.04 -43.74 0.20
CA GLU B 315 -9.42 -43.57 1.53
C GLU B 315 -9.25 -42.08 1.80
N PHE B 316 -9.45 -41.68 3.06
CA PHE B 316 -9.27 -40.27 3.49
C PHE B 316 -7.97 -40.19 4.29
N LYS B 317 -7.18 -39.15 4.06
CA LYS B 317 -5.88 -39.02 4.75
C LYS B 317 -5.75 -37.64 5.41
N VAL B 318 -5.27 -37.61 6.66
CA VAL B 318 -4.92 -36.31 7.31
C VAL B 318 -3.52 -35.95 6.80
N THR B 319 -3.35 -34.77 6.21
CA THR B 319 -2.03 -34.43 5.61
C THR B 319 -1.44 -33.16 6.23
N THR B 320 -0.26 -32.79 5.73
CA THR B 320 0.46 -31.57 6.15
C THR B 320 -0.18 -30.32 5.52
N SER B 321 -1.18 -30.49 4.64
CA SER B 321 -1.96 -29.36 4.06
C SER B 321 -3.42 -29.63 4.43
N PRO B 322 -3.73 -29.66 5.74
CA PRO B 322 -5.02 -30.15 6.22
C PRO B 322 -6.26 -29.37 5.76
N SER B 323 -6.09 -28.11 5.38
CA SER B 323 -7.28 -27.32 4.92
C SER B 323 -7.82 -27.86 3.60
N MSE B 324 -7.04 -28.75 2.95
CA MSE B 324 -7.43 -29.31 1.66
C MSE B 324 -7.77 -30.79 1.77
O MSE B 324 -7.91 -31.48 0.77
CB MSE B 324 -6.30 -29.06 0.66
CG MSE B 324 -6.08 -27.59 0.40
SE MSE B 324 -4.28 -27.23 -0.24
CE MSE B 324 -4.52 -28.25 -1.80
N ASP B 325 -7.89 -31.29 3.00
CA ASP B 325 -8.25 -32.69 3.21
C ASP B 325 -9.76 -32.82 3.05
N ILE B 326 -10.22 -33.10 1.83
CA ILE B 326 -11.69 -33.15 1.57
C ILE B 326 -12.05 -34.40 0.77
N LEU B 327 -13.31 -34.80 0.89
CA LEU B 327 -13.91 -35.88 0.06
C LEU B 327 -14.98 -35.24 -0.82
N VAL B 328 -15.72 -34.29 -0.26
CA VAL B 328 -16.82 -33.62 -0.98
C VAL B 328 -16.48 -32.12 -1.05
N SER B 329 -16.05 -31.66 -2.22
CA SER B 329 -15.69 -30.24 -2.45
C SER B 329 -17.00 -29.47 -2.63
N SER B 330 -17.42 -28.74 -1.58
N SER B 330 -17.41 -28.79 -1.57
CA SER B 330 -18.80 -28.19 -1.55
CA SER B 330 -18.76 -28.15 -1.46
C SER B 330 -19.11 -27.28 -2.74
C SER B 330 -19.13 -27.22 -2.62
N ASN B 331 -18.19 -26.40 -3.11
CA ASN B 331 -18.52 -25.41 -4.18
C ASN B 331 -18.36 -25.98 -5.59
N LEU B 332 -17.85 -27.21 -5.73
CA LEU B 332 -17.78 -27.74 -7.11
C LEU B 332 -19.20 -27.78 -7.69
N GLU B 333 -20.21 -28.00 -6.83
CA GLU B 333 -21.62 -28.03 -7.28
C GLU B 333 -21.96 -26.76 -8.07
N ARG B 334 -21.41 -25.60 -7.70
CA ARG B 334 -21.75 -24.38 -8.49
C ARG B 334 -21.14 -24.51 -9.88
N LEU B 335 -19.89 -24.98 -9.96
CA LEU B 335 -19.30 -25.20 -11.32
C LEU B 335 -20.13 -26.24 -12.10
N ILE B 336 -20.54 -27.34 -11.46
CA ILE B 336 -21.39 -28.36 -12.16
C ILE B 336 -22.61 -27.66 -12.74
N PHE B 337 -23.25 -26.83 -11.93
CA PHE B 337 -24.46 -26.08 -12.35
C PHE B 337 -24.16 -25.29 -13.63
N HIS B 338 -23.06 -24.53 -13.63
CA HIS B 338 -22.69 -23.74 -14.83
C HIS B 338 -22.32 -24.66 -16.00
N LEU B 339 -21.62 -25.76 -15.72
CA LEU B 339 -21.22 -26.72 -16.79
C LEU B 339 -22.45 -27.30 -17.48
N LEU B 340 -23.57 -27.37 -16.76
CA LEU B 340 -24.82 -27.96 -17.31
C LEU B 340 -25.74 -26.86 -17.84
N GLY B 341 -25.22 -25.64 -18.03
CA GLY B 341 -26.05 -24.54 -18.58
C GLY B 341 -27.00 -23.97 -17.55
N ASN B 342 -26.55 -23.89 -16.30
CA ASN B 342 -27.38 -23.34 -15.18
C ASN B 342 -28.69 -24.16 -15.10
N ASN B 343 -28.54 -25.48 -15.09
CA ASN B 343 -29.71 -26.39 -15.04
C ASN B 343 -29.79 -27.05 -13.67
N ALA B 344 -30.74 -26.59 -12.85
CA ALA B 344 -30.91 -27.09 -11.47
C ALA B 344 -31.40 -28.54 -11.46
N GLU B 345 -32.29 -28.92 -12.39
N GLU B 345 -32.26 -28.92 -12.40
CA GLU B 345 -32.78 -30.33 -12.39
CA GLU B 345 -32.81 -30.31 -12.44
C GLU B 345 -31.58 -31.26 -12.59
C GLU B 345 -31.65 -31.30 -12.65
N LYS B 346 -30.78 -31.02 -13.63
CA LYS B 346 -29.63 -31.92 -13.92
C LYS B 346 -28.62 -31.87 -12.78
N THR B 347 -28.39 -30.68 -12.20
CA THR B 347 -27.43 -30.58 -11.07
C THR B 347 -27.93 -31.44 -9.90
N THR B 348 -29.22 -31.31 -9.57
CA THR B 348 -29.82 -32.07 -8.46
C THR B 348 -29.64 -33.58 -8.70
N GLU B 349 -29.81 -34.04 -9.95
N GLU B 349 -29.79 -34.01 -9.96
CA GLU B 349 -29.63 -35.49 -10.21
CA GLU B 349 -29.67 -35.43 -10.35
C GLU B 349 -28.20 -35.91 -9.86
C GLU B 349 -28.25 -35.95 -10.03
N LEU B 350 -27.22 -35.15 -10.34
CA LEU B 350 -25.81 -35.56 -10.06
C LEU B 350 -25.54 -35.52 -8.55
N MSE B 351 -26.07 -34.52 -7.84
CA MSE B 351 -25.81 -34.44 -6.41
C MSE B 351 -26.50 -35.59 -5.67
O MSE B 351 -25.96 -36.13 -4.72
CB MSE B 351 -26.21 -33.07 -5.85
CG MSE B 351 -25.45 -31.89 -6.44
SE MSE B 351 -23.47 -32.03 -6.27
CE MSE B 351 -22.91 -32.79 -7.93
N ASN B 352 -27.73 -35.94 -6.10
CA ASN B 352 -28.44 -37.07 -5.50
C ASN B 352 -27.64 -38.34 -5.79
N ALA B 353 -27.06 -38.46 -6.98
CA ALA B 353 -26.25 -39.65 -7.32
C ALA B 353 -25.02 -39.70 -6.42
N LEU B 354 -24.37 -38.57 -6.17
CA LEU B 354 -23.19 -38.58 -5.28
C LEU B 354 -23.61 -39.16 -3.93
N ASN B 355 -24.80 -38.76 -3.47
CA ASN B 355 -25.26 -39.20 -2.13
C ASN B 355 -25.65 -40.68 -2.12
N THR B 356 -26.36 -41.15 -3.15
CA THR B 356 -26.88 -42.54 -3.12
C THR B 356 -25.86 -43.56 -3.69
N GLN B 357 -25.01 -43.13 -4.62
CA GLN B 357 -24.07 -44.06 -5.32
C GLN B 357 -22.62 -43.78 -4.91
N GLY B 358 -22.34 -42.62 -4.31
CA GLY B 358 -20.97 -42.26 -3.91
C GLY B 358 -20.18 -41.70 -5.08
N GLN B 359 -20.84 -41.58 -6.24
CA GLN B 359 -20.13 -41.05 -7.43
C GLN B 359 -21.11 -40.58 -8.49
N TYR B 360 -20.60 -39.74 -9.38
CA TYR B 360 -21.37 -39.31 -10.57
C TYR B 360 -20.38 -39.05 -11.69
N LYS B 361 -20.90 -39.05 -12.92
N LYS B 361 -20.89 -39.05 -12.93
CA LYS B 361 -20.09 -38.77 -14.13
CA LYS B 361 -20.05 -38.75 -14.10
C LYS B 361 -20.68 -37.55 -14.84
C LYS B 361 -20.66 -37.55 -14.83
N LEU B 362 -19.83 -36.57 -15.17
CA LEU B 362 -20.29 -35.37 -15.89
C LEU B 362 -20.32 -35.70 -17.39
N THR B 363 -21.51 -35.58 -18.00
CA THR B 363 -21.73 -35.76 -19.47
C THR B 363 -22.54 -34.55 -19.98
N ASP B 364 -22.52 -34.31 -21.28
CA ASP B 364 -23.29 -33.22 -21.95
C ASP B 364 -23.05 -31.89 -21.22
N PHE B 365 -21.79 -31.49 -21.13
CA PHE B 365 -21.37 -30.26 -20.41
C PHE B 365 -20.80 -29.22 -21.40
N ASP B 366 -20.66 -28.00 -20.90
CA ASP B 366 -20.08 -26.86 -21.66
C ASP B 366 -18.55 -27.04 -21.67
N ALA B 367 -18.00 -27.51 -22.79
CA ALA B 367 -16.53 -27.77 -22.90
C ALA B 367 -15.73 -26.48 -22.75
N GLU B 368 -16.30 -25.33 -23.12
CA GLU B 368 -15.56 -24.04 -23.00
C GLU B 368 -15.25 -23.77 -21.52
N ILE B 369 -16.17 -24.14 -20.64
CA ILE B 369 -15.95 -23.92 -19.18
C ILE B 369 -14.96 -24.97 -18.69
N LEU B 370 -15.18 -26.24 -19.01
CA LEU B 370 -14.29 -27.27 -18.42
C LEU B 370 -12.85 -27.13 -18.92
N ASP B 371 -12.66 -26.70 -20.17
CA ASP B 371 -11.30 -26.61 -20.76
C ASP B 371 -10.48 -25.50 -20.08
N LEU B 372 -11.11 -24.63 -19.30
CA LEU B 372 -10.37 -23.57 -18.57
C LEU B 372 -9.60 -24.17 -17.39
N PHE B 373 -9.96 -25.40 -17.00
CA PHE B 373 -9.39 -26.00 -15.78
C PHE B 373 -8.36 -27.07 -16.08
N ALA B 374 -7.31 -27.06 -15.26
CA ALA B 374 -6.29 -28.13 -15.24
C ALA B 374 -6.19 -28.59 -13.79
N ALA B 375 -5.60 -29.75 -13.56
CA ALA B 375 -5.54 -30.25 -12.18
C ALA B 375 -4.38 -31.22 -12.00
N GLU B 376 -3.70 -31.08 -10.86
CA GLU B 376 -2.65 -32.05 -10.45
C GLU B 376 -2.70 -32.12 -8.92
N TYR B 377 -2.07 -33.13 -8.34
CA TYR B 377 -1.97 -33.24 -6.87
C TYR B 377 -0.50 -33.40 -6.51
N ALA B 378 -0.19 -33.08 -5.24
CA ALA B 378 1.18 -33.21 -4.71
C ALA B 378 1.14 -34.07 -3.45
N THR B 379 2.09 -34.98 -3.33
CA THR B 379 2.21 -35.84 -2.13
C THR B 379 2.79 -35.04 -0.95
N GLU B 380 2.78 -35.63 0.24
CA GLU B 380 3.37 -34.92 1.40
C GLU B 380 4.88 -34.72 1.20
N GLU B 381 5.55 -35.73 0.64
N GLU B 381 5.57 -35.72 0.65
CA GLU B 381 7.01 -35.62 0.39
CA GLU B 381 7.04 -35.59 0.41
C GLU B 381 7.22 -34.45 -0.59
C GLU B 381 7.26 -34.46 -0.61
N GLU B 382 6.40 -34.41 -1.65
CA GLU B 382 6.55 -33.34 -2.67
C GLU B 382 6.29 -31.97 -2.04
N THR B 383 5.36 -31.89 -1.09
CA THR B 383 5.04 -30.61 -0.42
C THR B 383 6.29 -30.09 0.32
N ALA B 384 6.91 -30.96 1.13
CA ALA B 384 8.12 -30.56 1.86
C ALA B 384 9.26 -30.23 0.89
N ALA B 385 9.44 -31.04 -0.15
CA ALA B 385 10.54 -30.77 -1.11
C ALA B 385 10.32 -29.41 -1.78
N GLU B 386 9.06 -29.03 -2.01
CA GLU B 386 8.75 -27.74 -2.67
C GLU B 386 9.04 -26.57 -1.72
N ILE B 387 8.65 -26.68 -0.44
CA ILE B 387 8.98 -25.59 0.52
C ILE B 387 10.52 -25.41 0.51
N LYS B 388 11.24 -26.52 0.55
CA LYS B 388 12.72 -26.43 0.57
C LYS B 388 13.24 -25.79 -0.73
N ARG B 389 12.72 -26.22 -1.88
CA ARG B 389 13.28 -25.70 -3.17
C ARG B 389 13.02 -24.21 -3.32
N VAL B 390 11.81 -23.75 -2.98
CA VAL B 390 11.50 -22.29 -3.11
C VAL B 390 12.36 -21.50 -2.11
N CYS B 391 12.61 -22.07 -0.93
CA CYS B 391 13.49 -21.41 0.04
C CYS B 391 14.92 -21.30 -0.56
N GLU B 392 15.38 -22.36 -1.21
CA GLU B 392 16.76 -22.37 -1.77
C GLU B 392 16.88 -21.40 -2.96
N LEU B 393 15.86 -21.37 -3.82
N LEU B 393 15.86 -21.34 -3.83
CA LEU B 393 15.90 -20.56 -5.05
CA LEU B 393 15.97 -20.53 -5.07
C LEU B 393 15.59 -19.10 -4.77
C LEU B 393 15.51 -19.07 -4.86
N ASP B 394 14.55 -18.83 -3.97
CA ASP B 394 14.02 -17.45 -3.79
C ASP B 394 14.22 -16.90 -2.37
N SER B 395 14.84 -17.66 -1.46
CA SER B 395 14.97 -17.17 -0.06
C SER B 395 13.58 -16.75 0.44
N TYR B 396 12.59 -17.57 0.14
CA TYR B 396 11.17 -17.30 0.47
C TYR B 396 10.56 -18.59 1.01
N ILE B 397 9.87 -18.51 2.15
CA ILE B 397 9.28 -19.72 2.79
C ILE B 397 7.77 -19.74 2.57
N GLU B 398 7.33 -20.77 1.86
CA GLU B 398 5.89 -20.99 1.59
C GLU B 398 5.29 -21.88 2.68
N ASP B 399 4.03 -21.64 3.02
CA ASP B 399 3.32 -22.59 3.90
C ASP B 399 3.04 -23.85 3.07
N PRO B 400 2.64 -24.98 3.70
CA PRO B 400 2.39 -26.22 2.96
C PRO B 400 1.27 -26.12 1.93
N HIS B 401 0.21 -25.34 2.20
CA HIS B 401 -0.91 -25.26 1.23
C HIS B 401 -0.40 -24.54 -0.03
N THR B 402 0.34 -23.46 0.17
CA THR B 402 0.94 -22.70 -0.95
C THR B 402 1.90 -23.63 -1.71
N ALA B 403 2.70 -24.42 -0.99
CA ALA B 403 3.68 -25.32 -1.61
C ALA B 403 2.97 -26.42 -2.43
N VAL B 404 1.84 -26.93 -1.95
CA VAL B 404 1.08 -27.88 -2.84
C VAL B 404 0.78 -27.16 -4.17
N ALA B 405 0.32 -25.91 -4.11
CA ALA B 405 -0.01 -25.19 -5.35
C ALA B 405 1.26 -24.95 -6.18
N SER B 406 2.38 -24.51 -5.59
CA SER B 406 3.55 -24.23 -6.43
C SER B 406 4.13 -25.54 -7.00
N ALA B 407 4.03 -26.64 -6.25
CA ALA B 407 4.50 -27.94 -6.77
C ALA B 407 3.58 -28.35 -7.93
N VAL B 408 2.27 -28.16 -7.77
CA VAL B 408 1.31 -28.51 -8.83
C VAL B 408 1.56 -27.64 -10.08
N TYR B 409 1.91 -26.36 -9.89
CA TYR B 409 2.21 -25.50 -11.06
C TYR B 409 3.40 -26.07 -11.83
N LYS B 410 4.43 -26.53 -11.11
CA LYS B 410 5.60 -27.14 -11.80
C LYS B 410 5.16 -28.37 -12.58
N LYS B 411 4.26 -29.17 -12.01
N LYS B 411 4.25 -29.17 -12.01
CA LYS B 411 3.76 -30.37 -12.72
CA LYS B 411 3.74 -30.38 -12.70
C LYS B 411 2.96 -29.93 -13.95
C LYS B 411 2.95 -29.96 -13.94
N TYR B 412 2.14 -28.90 -13.81
CA TYR B 412 1.32 -28.41 -14.94
C TYR B 412 2.24 -27.92 -16.07
N GLN B 413 3.26 -27.13 -15.72
N GLN B 413 3.24 -27.10 -15.72
CA GLN B 413 4.19 -26.57 -16.75
CA GLN B 413 4.22 -26.59 -16.71
C GLN B 413 4.92 -27.72 -17.45
C GLN B 413 4.85 -27.76 -17.46
N SER B 414 5.28 -28.77 -16.70
CA SER B 414 5.99 -29.93 -17.29
C SER B 414 5.10 -30.69 -18.27
N ALA B 415 3.85 -30.94 -17.88
CA ALA B 415 2.91 -31.74 -18.69
C ALA B 415 2.42 -30.99 -19.93
N THR B 416 2.33 -29.65 -19.86
CA THR B 416 1.69 -28.89 -20.97
C THR B 416 2.66 -28.01 -21.74
N GLY B 417 3.78 -27.61 -21.14
CA GLY B 417 4.71 -26.67 -21.79
C GLY B 417 4.15 -25.25 -21.83
N ASP B 418 3.07 -24.98 -21.09
CA ASP B 418 2.47 -23.62 -21.06
C ASP B 418 3.43 -22.64 -20.38
N VAL B 419 3.81 -21.55 -21.07
CA VAL B 419 4.74 -20.52 -20.50
C VAL B 419 3.95 -19.30 -20.00
N THR B 420 2.62 -19.35 -20.02
CA THR B 420 1.81 -18.20 -19.57
C THR B 420 2.21 -17.83 -18.14
N LYS B 421 2.37 -16.53 -17.87
CA LYS B 421 2.69 -16.09 -16.49
C LYS B 421 1.62 -16.61 -15.52
N THR B 422 2.06 -17.05 -14.36
CA THR B 422 1.16 -17.72 -13.40
C THR B 422 1.31 -17.15 -12.00
N VAL B 423 0.16 -16.93 -11.37
CA VAL B 423 0.05 -16.46 -9.97
C VAL B 423 -0.39 -17.64 -9.11
N ILE B 424 0.34 -17.87 -8.03
CA ILE B 424 -0.02 -18.88 -7.00
C ILE B 424 -0.85 -18.17 -5.93
N ALA B 425 -2.06 -18.64 -5.68
CA ALA B 425 -2.86 -18.09 -4.55
C ALA B 425 -2.26 -18.66 -3.26
N SER B 426 -1.60 -17.82 -2.48
CA SER B 426 -0.91 -18.26 -1.24
C SER B 426 -1.91 -18.11 -0.09
N THR B 427 -2.38 -19.25 0.41
CA THR B 427 -3.58 -19.26 1.29
C THR B 427 -3.26 -19.18 2.78
N ALA B 428 -2.01 -19.35 3.19
CA ALA B 428 -1.68 -19.18 4.62
C ALA B 428 -0.23 -18.78 4.75
N SER B 429 0.09 -18.15 5.86
CA SER B 429 1.48 -17.85 6.24
C SER B 429 2.12 -19.13 6.77
N PRO B 430 3.43 -19.37 6.56
CA PRO B 430 4.10 -20.52 7.18
C PRO B 430 4.01 -20.44 8.72
N TYR B 431 3.76 -19.25 9.28
CA TYR B 431 3.59 -19.14 10.74
C TYR B 431 2.31 -19.86 11.20
N LYS B 432 1.40 -20.16 10.27
CA LYS B 432 0.14 -20.83 10.66
C LYS B 432 0.34 -22.35 10.69
N PHE B 433 1.30 -22.85 9.90
CA PHE B 433 1.61 -24.31 9.82
C PHE B 433 3.13 -24.43 9.90
N PRO B 434 3.72 -24.01 11.03
CA PRO B 434 5.17 -23.87 11.11
C PRO B 434 6.01 -25.15 11.16
N VAL B 435 5.47 -26.24 11.73
CA VAL B 435 6.29 -27.47 11.87
C VAL B 435 6.72 -27.97 10.48
N VAL B 436 5.78 -28.16 9.57
CA VAL B 436 6.18 -28.74 8.26
C VAL B 436 7.13 -27.77 7.54
N ALA B 437 6.89 -26.45 7.66
CA ALA B 437 7.73 -25.46 6.95
C ALA B 437 9.15 -25.45 7.53
N VAL B 438 9.28 -25.37 8.85
CA VAL B 438 10.63 -25.33 9.47
C VAL B 438 11.35 -26.67 9.23
N GLU B 439 10.66 -27.79 9.38
CA GLU B 439 11.35 -29.09 9.18
C GLU B 439 11.78 -29.21 7.72
N ALA B 440 10.97 -28.69 6.80
CA ALA B 440 11.33 -28.79 5.36
C ALA B 440 12.60 -27.99 5.07
N VAL B 441 12.74 -26.81 5.67
CA VAL B 441 13.89 -25.93 5.28
C VAL B 441 15.11 -26.20 6.15
N THR B 442 14.97 -26.87 7.29
CA THR B 442 16.12 -27.08 8.21
C THR B 442 16.57 -28.54 8.25
N GLY B 443 15.70 -29.48 7.91
CA GLY B 443 16.04 -30.91 8.01
C GLY B 443 15.80 -31.43 9.43
N LYS B 444 15.37 -30.55 10.34
CA LYS B 444 15.10 -30.96 11.74
C LYS B 444 13.85 -31.86 11.76
N ALA B 445 13.70 -32.63 12.84
CA ALA B 445 12.56 -33.55 13.01
C ALA B 445 12.09 -33.50 14.45
N GLY B 446 10.80 -33.77 14.68
CA GLY B 446 10.22 -33.87 16.03
C GLY B 446 9.96 -32.53 16.69
N LEU B 447 9.92 -31.42 15.93
CA LEU B 447 9.66 -30.09 16.56
C LEU B 447 8.21 -29.99 17.02
N THR B 448 7.99 -29.31 18.15
CA THR B 448 6.60 -28.99 18.59
C THR B 448 6.15 -27.75 17.83
N ASP B 449 4.84 -27.44 17.86
CA ASP B 449 4.30 -26.24 17.18
C ASP B 449 5.04 -24.98 17.64
N PHE B 450 5.24 -24.83 18.96
CA PHE B 450 5.85 -23.58 19.49
C PHE B 450 7.36 -23.55 19.23
N GLU B 451 8.02 -24.70 19.19
CA GLU B 451 9.46 -24.73 18.85
C GLU B 451 9.62 -24.25 17.41
N ALA B 452 8.75 -24.74 16.52
CA ALA B 452 8.80 -24.35 15.09
C ALA B 452 8.53 -22.85 14.93
N LEU B 453 7.58 -22.29 15.68
CA LEU B 453 7.29 -20.83 15.57
C LEU B 453 8.56 -20.02 15.86
N ALA B 454 9.23 -20.32 16.98
CA ALA B 454 10.45 -19.58 17.38
C ALA B 454 11.51 -19.68 16.29
N GLN B 455 11.73 -20.89 15.76
CA GLN B 455 12.79 -21.08 14.73
C GLN B 455 12.40 -20.36 13.43
N LEU B 456 11.11 -20.35 13.07
CA LEU B 456 10.73 -19.70 11.79
C LEU B 456 11.07 -18.20 11.85
N HIS B 457 10.90 -17.58 13.03
CA HIS B 457 11.23 -16.14 13.17
C HIS B 457 12.74 -15.92 13.01
N GLU B 458 13.54 -16.79 13.64
CA GLU B 458 15.02 -16.72 13.56
C GLU B 458 15.46 -16.90 12.10
N ILE B 459 14.90 -17.88 11.40
CA ILE B 459 15.25 -18.18 9.98
C ILE B 459 14.80 -17.07 9.03
N SER B 460 13.53 -16.65 9.12
CA SER B 460 12.95 -15.71 8.14
C SER B 460 13.23 -14.24 8.47
N GLY B 461 13.34 -13.89 9.76
CA GLY B 461 13.48 -12.47 10.13
C GLY B 461 12.17 -11.72 9.88
N VAL B 462 11.12 -12.43 9.46
CA VAL B 462 9.78 -11.81 9.22
C VAL B 462 9.05 -11.75 10.58
N ALA B 463 8.48 -10.59 10.90
CA ALA B 463 7.81 -10.40 12.20
C ALA B 463 6.79 -11.51 12.45
N VAL B 464 6.74 -12.01 13.68
CA VAL B 464 5.71 -13.02 14.04
C VAL B 464 4.36 -12.32 13.99
N PRO B 465 3.40 -12.80 13.19
CA PRO B 465 2.10 -12.15 13.14
C PRO B 465 1.37 -12.20 14.47
N PRO B 466 0.50 -11.21 14.78
CA PRO B 466 -0.23 -11.20 16.04
C PRO B 466 -1.01 -12.49 16.34
N ALA B 467 -1.54 -13.16 15.32
CA ALA B 467 -2.35 -14.38 15.51
C ALA B 467 -1.57 -15.43 16.30
N VAL B 468 -0.24 -15.47 16.15
CA VAL B 468 0.54 -16.56 16.83
C VAL B 468 1.61 -15.96 17.76
N ASP B 469 1.66 -14.64 17.88
CA ASP B 469 2.67 -13.99 18.77
C ASP B 469 2.16 -14.01 20.22
N GLY B 470 2.91 -14.65 21.13
CA GLY B 470 2.52 -14.72 22.55
C GLY B 470 1.37 -15.67 22.82
N LEU B 471 1.09 -16.56 21.87
CA LEU B 471 -0.07 -17.48 21.98
C LEU B 471 0.10 -18.44 23.16
N GLU B 472 1.34 -18.79 23.51
CA GLU B 472 1.58 -19.77 24.59
C GLU B 472 1.33 -19.15 25.98
N ILE B 473 1.23 -17.81 26.08
CA ILE B 473 1.00 -17.15 27.40
C ILE B 473 -0.32 -16.34 27.36
N ALA B 474 -1.08 -16.41 26.28
CA ALA B 474 -2.37 -15.66 26.22
C ALA B 474 -3.40 -16.33 27.12
N PRO B 475 -4.26 -15.57 27.83
CA PRO B 475 -5.27 -16.17 28.70
C PRO B 475 -6.26 -17.04 27.91
N ILE B 476 -6.62 -18.19 28.49
CA ILE B 476 -7.64 -19.08 27.88
C ILE B 476 -9.01 -18.49 28.24
N ARG B 477 -9.78 -18.05 27.24
CA ARG B 477 -11.10 -17.40 27.47
C ARG B 477 -12.25 -18.39 27.22
N HIS B 478 -11.94 -19.56 26.67
CA HIS B 478 -12.98 -20.57 26.33
C HIS B 478 -12.52 -21.93 26.84
N LYS B 479 -13.27 -22.54 27.76
CA LYS B 479 -12.89 -23.86 28.34
C LYS B 479 -14.11 -24.78 28.39
N THR B 480 -14.96 -24.74 27.35
CA THR B 480 -16.19 -25.56 27.37
C THR B 480 -16.05 -26.76 26.45
N THR B 481 -16.39 -27.96 26.98
CA THR B 481 -16.44 -29.21 26.18
C THR B 481 -17.82 -29.82 26.45
N VAL B 482 -18.58 -30.17 25.41
CA VAL B 482 -19.91 -30.81 25.60
C VAL B 482 -20.01 -32.03 24.68
N ALA B 483 -20.91 -32.94 25.05
CA ALA B 483 -21.24 -34.09 24.19
C ALA B 483 -22.00 -33.55 22.98
N ALA B 484 -21.83 -34.18 21.81
CA ALA B 484 -22.56 -33.70 20.61
C ALA B 484 -24.06 -33.65 20.89
N ALA B 485 -24.59 -34.61 21.65
CA ALA B 485 -26.06 -34.69 21.89
C ALA B 485 -26.56 -33.50 22.70
N ASP B 486 -25.67 -32.77 23.39
CA ASP B 486 -26.10 -31.66 24.28
C ASP B 486 -25.92 -30.29 23.61
N MSE B 487 -25.51 -30.26 22.34
CA MSE B 487 -25.25 -29.00 21.68
C MSE B 487 -26.47 -28.09 21.64
O MSE B 487 -26.38 -26.92 21.98
CB MSE B 487 -24.73 -29.24 20.25
CG MSE B 487 -23.34 -29.83 20.22
SE MSE B 487 -22.94 -30.52 18.46
CE MSE B 487 -23.15 -28.93 17.33
N GLN B 488 -27.61 -28.63 21.20
CA GLN B 488 -28.80 -27.79 21.06
C GLN B 488 -29.25 -27.27 22.43
N ALA B 489 -29.23 -28.11 23.47
CA ALA B 489 -29.65 -27.61 24.79
C ALA B 489 -28.72 -26.49 25.25
N ALA B 490 -27.41 -26.62 24.98
CA ALA B 490 -26.42 -25.61 25.39
C ALA B 490 -26.67 -24.30 24.62
N VAL B 491 -26.97 -24.40 23.32
CA VAL B 491 -27.25 -23.19 22.51
C VAL B 491 -28.54 -22.51 23.02
N GLU B 492 -29.59 -23.29 23.24
CA GLU B 492 -30.87 -22.70 23.70
C GLU B 492 -30.68 -22.00 25.05
N ALA B 493 -29.92 -22.62 25.97
CA ALA B 493 -29.71 -22.00 27.30
C ALA B 493 -28.89 -20.71 27.15
N TYR B 494 -27.83 -20.76 26.35
CA TYR B 494 -27.01 -19.54 26.17
C TYR B 494 -27.85 -18.40 25.58
N LEU B 495 -28.69 -18.70 24.60
CA LEU B 495 -29.51 -17.65 23.94
C LEU B 495 -30.72 -17.25 24.80
N GLY B 496 -30.96 -17.93 25.93
CA GLY B 496 -32.09 -17.60 26.83
C GLY B 496 -33.43 -18.01 26.25
N LEU B 497 -33.50 -19.17 25.59
CA LEU B 497 -34.73 -19.68 24.91
C LEU B 497 -35.40 -20.74 25.77
CL CL C . -10.92 22.02 -11.93
NA NA D . 23.86 6.91 14.67
NA NA E . 1.77 5.07 -7.72
NA NA F . 40.83 11.13 2.20
N1 PLP G . 17.05 23.51 -6.85
C2 PLP G . 15.96 23.05 -7.49
C2A PLP G . 16.11 22.55 -8.89
C3 PLP G . 14.71 23.05 -6.85
O3 PLP G . 13.65 22.57 -7.52
C4 PLP G . 14.61 23.53 -5.53
C4A PLP G . 13.31 23.52 -4.85
C5 PLP G . 15.77 24.00 -4.88
C6 PLP G . 16.95 23.97 -5.58
C5A PLP G . 15.73 24.52 -3.47
O4P PLP G . 15.50 23.45 -2.48
P PLP G . 15.22 23.76 -0.89
O1P PLP G . 16.37 24.65 -0.42
O2P PLP G . 15.19 22.43 -0.19
O3P PLP G . 13.90 24.51 -0.90
C1 GOL H . 11.64 22.47 1.18
O1 GOL H . 12.63 23.48 1.30
C2 GOL H . 12.09 21.32 0.29
O2 GOL H . 13.37 20.84 0.68
C3 GOL H . 11.11 20.16 0.31
O3 GOL H . 11.27 19.36 -0.85
C1 GOL I . 36.92 13.49 -7.05
O1 GOL I . 37.59 12.94 -8.19
C2 GOL I . 37.91 13.85 -5.96
O2 GOL I . 38.97 14.62 -6.50
C3 GOL I . 37.27 14.60 -4.81
O3 GOL I . 37.38 16.01 -4.99
C1 GOL J . 11.55 -3.11 0.78
O1 GOL J . 11.74 -2.19 -0.29
C2 GOL J . 12.11 -2.58 2.08
O2 GOL J . 11.54 -1.30 2.35
C3 GOL J . 13.62 -2.48 2.07
O3 GOL J . 14.22 -3.55 2.78
C1 GOL K . 12.96 26.32 -18.15
O1 GOL K . 11.78 26.45 -17.35
C2 GOL K . 13.02 27.41 -19.20
O2 GOL K . 13.28 28.67 -18.57
C3 GOL K . 14.05 27.15 -20.28
O3 GOL K . 15.33 26.84 -19.74
C1 GOL L . -14.70 15.14 -6.91
O1 GOL L . -14.21 14.08 -7.72
C2 GOL L . -14.21 15.01 -5.47
O2 GOL L . -12.88 14.52 -5.46
C3 GOL L . -15.10 14.13 -4.63
O3 GOL L . -16.05 14.88 -3.89
C1 MLT M . -4.74 22.07 6.85
O1 MLT M . -4.41 22.87 7.75
O2 MLT M . -4.03 21.73 5.89
C2 MLT M . -6.14 21.45 6.93
O3 MLT M . -7.13 22.46 6.79
C3 MLT M . -6.34 20.70 8.25
C4 MLT M . -7.65 19.92 8.28
O4 MLT M . -8.52 20.25 9.11
O5 MLT M . -7.80 18.98 7.47
NA NA N . -16.14 -6.88 -18.07
NA NA O . -18.37 -31.42 29.30
N1 PLP P . -5.63 -23.36 2.01
C2 PLP P . -5.90 -22.85 3.20
C2A PLP P . -4.77 -22.37 4.06
C3 PLP P . -7.23 -22.75 3.65
O3 PLP P . -7.46 -22.20 4.87
C4 PLP P . -8.27 -23.21 2.82
C4A PLP P . -9.66 -23.12 3.27
C5 PLP P . -7.95 -23.76 1.57
C6 PLP P . -6.63 -23.82 1.22
C5A PLP P . -9.02 -24.26 0.63
O4P PLP P . -9.86 -23.19 0.08
P PLP P . -11.22 -23.50 -0.79
O1P PLP P . -11.70 -22.15 -1.27
O2P PLP P . -10.79 -24.40 -1.94
O3P PLP P . -12.13 -24.20 0.18
C1 GOL Q . -14.84 -19.75 1.29
O1 GOL Q . -13.86 -18.92 1.90
C2 GOL Q . -14.18 -20.90 0.58
O2 GOL Q . -13.54 -20.46 -0.61
C3 GOL Q . -15.15 -22.04 0.30
O3 GOL Q . -14.56 -23.06 -0.49
C1 GOL R . 7.18 -15.46 -13.86
O1 GOL R . 7.12 -16.77 -14.39
C2 GOL R . 8.56 -15.15 -13.33
O2 GOL R . 9.47 -15.03 -14.43
C3 GOL R . 8.60 -13.89 -12.50
O3 GOL R . 9.94 -13.53 -12.16
C1 GOL S . -14.22 3.01 -2.22
O1 GOL S . -15.18 4.04 -2.16
C2 GOL S . -14.13 2.25 -0.91
O2 GOL S . -15.42 1.71 -0.59
C3 GOL S . -13.65 3.10 0.23
O3 GOL S . -12.58 2.48 0.95
C1 GOL T . -0.45 -26.16 12.76
O1 GOL T . -1.84 -26.20 13.10
C2 GOL T . 0.32 -27.26 13.45
O2 GOL T . 0.02 -28.52 12.84
C3 GOL T . 1.82 -27.03 13.44
O3 GOL T . 2.34 -26.83 12.13
#